data_4N0P
#
_entry.id   4N0P
#
_cell.length_a   65.600
_cell.length_b   112.780
_cell.length_c   73.880
_cell.angle_alpha   90.000
_cell.angle_beta   94.120
_cell.angle_gamma   90.000
#
_symmetry.space_group_name_H-M   'P 1 21 1'
#
loop_
_entity.id
_entity.type
_entity.pdbx_description
1 polymer 'Pilus assembly protein CpaE'
2 water water
#
_entity_poly.entity_id   1
_entity_poly.type   'polypeptide(L)'
_entity_poly.pdbx_seq_one_letter_code
;MGSDKIHHHHHHENLYFQGIPRITIHAFCARPETAALIEKAAADRRMSRAATIVRDGGLEAAVDYYQNQPTPSLVMVETL
DGAQRLLHLLDSLAQVCDPGTKVVVVGQTNDIALYRELMRRGVSEYLTQPLGPLQVIRAVGALYADPAAPF
;
_entity_poly.pdbx_strand_id   A,B,C,D,E,F,G,H
#
# COMPACT_ATOMS: atom_id res chain seq x y z
N HIS A 12 -4.86 -55.51 -18.24
CA HIS A 12 -4.67 -55.47 -16.79
C HIS A 12 -6.02 -55.44 -16.10
N GLU A 13 -6.47 -56.62 -15.62
CA GLU A 13 -7.76 -56.79 -14.95
C GLU A 13 -7.58 -56.94 -13.43
N ASN A 14 -6.37 -57.31 -12.99
CA ASN A 14 -6.03 -57.58 -11.60
C ASN A 14 -6.49 -56.44 -10.68
N LEU A 15 -7.14 -56.80 -9.58
CA LEU A 15 -7.66 -55.84 -8.63
C LEU A 15 -6.67 -55.54 -7.49
N TYR A 16 -5.58 -56.30 -7.44
CA TYR A 16 -4.51 -56.14 -6.45
C TYR A 16 -5.02 -56.12 -4.99
N PHE A 17 -5.81 -57.16 -4.63
CA PHE A 17 -6.26 -57.27 -3.23
C PHE A 17 -5.08 -57.27 -2.24
N GLN A 18 -3.96 -57.92 -2.59
CA GLN A 18 -2.75 -58.02 -1.73
C GLN A 18 -1.98 -56.68 -1.66
N GLY A 19 -2.37 -55.72 -2.47
CA GLY A 19 -1.77 -54.40 -2.48
C GLY A 19 -0.41 -54.32 -3.14
N ILE A 20 0.11 -53.11 -3.23
CA ILE A 20 1.40 -52.90 -3.87
C ILE A 20 2.48 -53.16 -2.80
N PRO A 21 3.67 -53.68 -3.17
CA PRO A 21 4.68 -54.00 -2.15
C PRO A 21 5.30 -52.76 -1.51
N ARG A 22 6.12 -52.96 -0.49
CA ARG A 22 6.70 -51.80 0.20
C ARG A 22 7.80 -51.20 -0.67
N ILE A 23 7.47 -50.08 -1.27
CA ILE A 23 8.35 -49.33 -2.17
C ILE A 23 8.24 -47.85 -1.85
N THR A 24 9.18 -47.08 -2.38
CA THR A 24 9.16 -45.62 -2.29
C THR A 24 8.90 -45.11 -3.69
N ILE A 25 7.93 -44.19 -3.83
CA ILE A 25 7.57 -43.62 -5.11
C ILE A 25 7.76 -42.11 -5.05
N HIS A 26 8.48 -41.53 -5.99
CA HIS A 26 8.61 -40.06 -6.09
C HIS A 26 7.94 -39.65 -7.37
N ALA A 27 6.89 -38.81 -7.29
CA ALA A 27 6.22 -38.38 -8.50
C ALA A 27 6.51 -36.90 -8.71
N PHE A 28 7.13 -36.55 -9.82
CA PHE A 28 7.44 -35.15 -10.18
C PHE A 28 6.48 -34.77 -11.23
N CYS A 29 5.36 -34.12 -10.84
CA CYS A 29 4.28 -33.73 -11.76
C CYS A 29 4.49 -32.34 -12.31
N ALA A 30 3.89 -32.09 -13.45
CA ALA A 30 3.95 -30.78 -14.09
C ALA A 30 2.54 -30.20 -14.24
N ARG A 31 1.49 -31.05 -14.09
CA ARG A 31 0.10 -30.63 -14.23
C ARG A 31 -0.67 -30.87 -12.93
N PRO A 32 -1.53 -29.91 -12.50
CA PRO A 32 -2.29 -30.11 -11.26
C PRO A 32 -3.20 -31.33 -11.28
N GLU A 33 -3.77 -31.67 -12.45
CA GLU A 33 -4.66 -32.85 -12.58
C GLU A 33 -3.87 -34.14 -12.33
N THR A 34 -2.59 -34.18 -12.75
CA THR A 34 -1.76 -35.37 -12.54
C THR A 34 -1.42 -35.51 -11.05
N ALA A 35 -1.03 -34.38 -10.39
CA ALA A 35 -0.70 -34.41 -8.96
C ALA A 35 -1.90 -34.90 -8.16
N ALA A 36 -3.11 -34.41 -8.47
CA ALA A 36 -4.35 -34.81 -7.78
C ALA A 36 -4.66 -36.30 -7.97
N LEU A 37 -4.45 -36.82 -9.18
CA LEU A 37 -4.68 -38.21 -9.51
C LEU A 37 -3.72 -39.12 -8.74
N ILE A 38 -2.43 -38.75 -8.70
CA ILE A 38 -1.43 -39.58 -8.02
C ILE A 38 -1.70 -39.55 -6.50
N GLU A 39 -2.08 -38.37 -5.96
CA GLU A 39 -2.41 -38.27 -4.53
C GLU A 39 -3.64 -39.12 -4.19
N LYS A 40 -4.63 -39.19 -5.10
CA LYS A 40 -5.81 -40.03 -4.93
C LYS A 40 -5.42 -41.51 -4.95
N ALA A 41 -4.57 -41.91 -5.90
CA ALA A 41 -4.06 -43.29 -5.97
C ALA A 41 -3.26 -43.62 -4.70
N ALA A 42 -2.40 -42.71 -4.23
CA ALA A 42 -1.57 -42.93 -3.02
C ALA A 42 -2.42 -43.13 -1.77
N ALA A 43 -3.64 -42.54 -1.72
CA ALA A 43 -4.56 -42.65 -0.57
C ALA A 43 -5.39 -43.96 -0.61
N ASP A 44 -5.34 -44.72 -1.73
CA ASP A 44 -6.07 -46.00 -1.84
C ASP A 44 -5.51 -47.00 -0.80
N ARG A 45 -6.39 -47.82 -0.16
CA ARG A 45 -5.90 -48.76 0.84
C ARG A 45 -4.89 -49.77 0.30
N ARG A 46 -4.97 -50.07 -1.02
CA ARG A 46 -4.00 -51.00 -1.67
C ARG A 46 -2.58 -50.42 -1.75
N MET A 47 -2.47 -49.09 -1.57
CA MET A 47 -1.16 -48.41 -1.71
C MET A 47 -0.56 -48.02 -0.37
N SER A 48 -1.13 -48.53 0.75
CA SER A 48 -0.67 -48.10 2.06
C SER A 48 0.77 -48.55 2.42
N ARG A 49 1.36 -49.56 1.75
CA ARG A 49 2.78 -49.92 2.02
C ARG A 49 3.73 -49.08 1.15
N ALA A 50 3.20 -48.38 0.13
CA ALA A 50 4.04 -47.53 -0.71
C ALA A 50 4.14 -46.15 -0.11
N ALA A 51 5.36 -45.67 0.06
CA ALA A 51 5.54 -44.30 0.54
C ALA A 51 5.59 -43.43 -0.71
N THR A 52 4.52 -42.66 -0.99
CA THR A 52 4.46 -41.87 -2.23
C THR A 52 4.59 -40.39 -1.93
N ILE A 53 5.56 -39.72 -2.56
CA ILE A 53 5.79 -38.28 -2.39
C ILE A 53 5.57 -37.61 -3.72
N VAL A 54 4.63 -36.64 -3.73
CA VAL A 54 4.34 -35.89 -4.95
C VAL A 54 5.13 -34.54 -4.89
N ARG A 55 5.94 -34.26 -5.91
CA ARG A 55 6.74 -33.05 -5.99
C ARG A 55 6.40 -32.26 -7.25
N ASP A 56 6.73 -30.95 -7.26
CA ASP A 56 6.43 -30.08 -8.41
CA ASP A 56 6.44 -30.06 -8.38
C ASP A 56 7.68 -29.90 -9.24
N GLY A 57 7.51 -29.27 -10.40
CA GLY A 57 8.62 -28.97 -11.28
C GLY A 57 8.90 -29.99 -12.35
N GLY A 58 8.09 -31.04 -12.40
CA GLY A 58 8.17 -32.11 -13.40
C GLY A 58 9.51 -32.78 -13.58
N LEU A 59 9.73 -33.37 -14.76
CA LEU A 59 10.96 -34.09 -15.08
C LEU A 59 12.21 -33.20 -14.90
N GLU A 60 12.11 -31.90 -15.23
CA GLU A 60 13.25 -30.97 -15.06
C GLU A 60 13.70 -30.93 -13.59
N ALA A 61 12.73 -30.85 -12.64
CA ALA A 61 13.05 -30.85 -11.21
C ALA A 61 13.58 -32.21 -10.77
N ALA A 62 13.09 -33.28 -11.42
CA ALA A 62 13.55 -34.65 -11.09
C ALA A 62 15.04 -34.77 -11.39
N VAL A 63 15.47 -34.34 -12.59
CA VAL A 63 16.88 -34.40 -13.00
C VAL A 63 17.74 -33.64 -11.98
N ASP A 64 17.29 -32.45 -11.56
CA ASP A 64 18.02 -31.64 -10.59
CA ASP A 64 18.02 -31.64 -10.59
C ASP A 64 18.08 -32.33 -9.23
N TYR A 65 16.93 -32.88 -8.74
CA TYR A 65 16.78 -33.56 -7.44
C TYR A 65 17.81 -34.70 -7.27
N TYR A 66 17.98 -35.53 -8.30
CA TYR A 66 18.80 -36.74 -8.20
C TYR A 66 20.29 -36.52 -8.49
N GLN A 67 20.70 -35.26 -8.70
CA GLN A 67 22.13 -34.97 -8.84
C GLN A 67 22.82 -35.28 -7.52
N ASN A 68 22.13 -34.95 -6.41
CA ASN A 68 22.59 -35.13 -5.04
C ASN A 68 21.86 -36.22 -4.21
N GLN A 69 20.59 -36.58 -4.53
CA GLN A 69 19.88 -37.62 -3.78
C GLN A 69 19.81 -38.95 -4.59
N PRO A 70 19.83 -40.12 -3.92
CA PRO A 70 19.65 -41.38 -4.68
C PRO A 70 18.19 -41.56 -5.14
N THR A 71 17.99 -42.34 -6.23
CA THR A 71 16.63 -42.53 -6.74
C THR A 71 15.87 -43.60 -5.89
N PRO A 72 14.52 -43.42 -5.73
CA PRO A 72 13.71 -44.39 -4.98
C PRO A 72 13.38 -45.62 -5.86
N SER A 73 12.48 -46.52 -5.38
CA SER A 73 12.07 -47.68 -6.16
C SER A 73 11.44 -47.30 -7.50
N LEU A 74 10.61 -46.23 -7.48
CA LEU A 74 9.87 -45.81 -8.65
C LEU A 74 9.84 -44.30 -8.76
N VAL A 75 10.20 -43.79 -9.93
CA VAL A 75 10.20 -42.36 -10.25
C VAL A 75 9.10 -42.14 -11.30
N MET A 76 8.12 -41.30 -10.99
CA MET A 76 7.06 -40.96 -11.95
C MET A 76 7.30 -39.53 -12.42
N VAL A 77 7.35 -39.31 -13.74
CA VAL A 77 7.69 -37.96 -14.23
C VAL A 77 6.72 -37.50 -15.30
N GLU A 78 6.66 -36.17 -15.46
CA GLU A 78 5.80 -35.54 -16.45
C GLU A 78 6.48 -34.24 -16.90
N THR A 79 6.24 -33.82 -18.13
CA THR A 79 6.77 -32.53 -18.60
C THR A 79 5.68 -31.78 -19.38
N LEU A 80 5.76 -30.45 -19.42
CA LEU A 80 4.84 -29.64 -20.24
C LEU A 80 5.46 -29.28 -21.60
N ASP A 81 6.74 -29.65 -21.83
CA ASP A 81 7.50 -29.17 -22.97
C ASP A 81 7.56 -30.01 -24.29
N GLY A 82 6.87 -31.14 -24.38
CA GLY A 82 6.85 -31.89 -25.64
C GLY A 82 7.81 -33.05 -25.71
N ALA A 83 7.62 -33.89 -26.73
CA ALA A 83 8.37 -35.13 -26.96
C ALA A 83 9.89 -34.95 -27.04
N GLN A 84 10.40 -33.97 -27.83
CA GLN A 84 11.86 -33.81 -27.98
CA GLN A 84 11.85 -33.82 -27.98
C GLN A 84 12.54 -33.44 -26.65
N ARG A 85 11.95 -32.52 -25.88
CA ARG A 85 12.50 -32.10 -24.60
C ARG A 85 12.39 -33.25 -23.58
N LEU A 86 11.28 -34.02 -23.63
CA LEU A 86 11.09 -35.18 -22.75
C LEU A 86 12.21 -36.19 -22.97
N LEU A 87 12.50 -36.54 -24.21
CA LEU A 87 13.53 -37.55 -24.48
C LEU A 87 14.92 -37.08 -24.06
N HIS A 88 15.26 -35.81 -24.32
CA HIS A 88 16.56 -35.26 -23.91
C HIS A 88 16.71 -35.29 -22.36
N LEU A 89 15.65 -34.91 -21.66
CA LEU A 89 15.67 -34.90 -20.19
C LEU A 89 15.72 -36.32 -19.63
N LEU A 90 15.11 -37.30 -20.33
CA LEU A 90 15.17 -38.70 -19.88
C LEU A 90 16.60 -39.24 -19.97
N ASP A 91 17.37 -38.80 -20.99
CA ASP A 91 18.80 -39.15 -21.13
C ASP A 91 19.57 -38.63 -19.88
N SER A 92 19.29 -37.38 -19.46
CA SER A 92 19.90 -36.77 -18.27
C SER A 92 19.48 -37.50 -16.99
N LEU A 93 18.20 -37.91 -16.91
CA LEU A 93 17.69 -38.66 -15.75
C LEU A 93 18.38 -40.01 -15.66
N ALA A 94 18.53 -40.71 -16.79
CA ALA A 94 19.16 -42.05 -16.82
C ALA A 94 20.56 -42.02 -16.24
N GLN A 95 21.28 -40.90 -16.38
CA GLN A 95 22.64 -40.76 -15.85
C GLN A 95 22.70 -40.75 -14.32
N VAL A 96 21.58 -40.40 -13.65
CA VAL A 96 21.55 -40.31 -12.18
C VAL A 96 20.58 -41.36 -11.58
N CYS A 97 20.22 -42.38 -12.36
CA CYS A 97 19.32 -43.42 -11.89
CA CYS A 97 19.31 -43.45 -12.00
C CYS A 97 20.08 -44.58 -11.36
N ASP A 98 19.68 -44.99 -10.19
CA ASP A 98 20.32 -46.08 -9.52
C ASP A 98 19.78 -47.39 -10.14
N PRO A 99 20.53 -48.50 -9.92
N PRO A 99 20.61 -48.42 -10.49
CA PRO A 99 20.01 -49.83 -10.24
CA PRO A 99 20.14 -49.52 -11.38
C PRO A 99 18.80 -50.09 -9.36
C PRO A 99 18.77 -50.20 -11.14
N GLY A 100 17.83 -50.76 -9.94
N GLY A 100 18.29 -50.24 -9.91
CA GLY A 100 16.60 -51.09 -9.26
CA GLY A 100 17.04 -50.92 -9.54
C GLY A 100 15.54 -50.02 -9.42
C GLY A 100 15.77 -50.11 -9.74
N THR A 101 15.91 -48.78 -9.87
CA THR A 101 14.88 -47.77 -10.05
C THR A 101 14.10 -47.98 -11.37
N LYS A 102 12.78 -47.92 -11.25
CA LYS A 102 11.89 -47.98 -12.43
C LYS A 102 11.42 -46.57 -12.74
N VAL A 103 11.19 -46.27 -14.01
CA VAL A 103 10.72 -44.95 -14.40
C VAL A 103 9.39 -45.08 -15.15
N VAL A 104 8.41 -44.27 -14.74
CA VAL A 104 7.10 -44.25 -15.38
C VAL A 104 6.90 -42.81 -15.87
N VAL A 105 6.45 -42.64 -17.10
CA VAL A 105 6.20 -41.31 -17.66
C VAL A 105 4.69 -41.10 -17.76
N VAL A 106 4.22 -39.92 -17.36
CA VAL A 106 2.83 -39.54 -17.52
C VAL A 106 2.81 -38.44 -18.59
N GLY A 107 2.06 -38.63 -19.65
CA GLY A 107 2.02 -37.63 -20.73
C GLY A 107 0.62 -37.35 -21.21
N GLN A 108 0.44 -36.36 -22.08
CA GLN A 108 -0.92 -36.08 -22.59
C GLN A 108 -1.03 -36.51 -24.04
N THR A 109 0.07 -37.00 -24.65
CA THR A 109 0.03 -37.36 -26.06
CA THR A 109 0.15 -37.37 -26.06
C THR A 109 -0.11 -38.86 -26.27
N ASN A 110 -1.06 -39.19 -27.14
CA ASN A 110 -1.37 -40.54 -27.52
C ASN A 110 -0.64 -40.78 -28.83
N ASP A 111 0.68 -41.08 -28.76
CA ASP A 111 1.53 -41.20 -29.93
C ASP A 111 2.40 -42.44 -29.87
N ILE A 112 2.24 -43.32 -30.87
CA ILE A 112 2.98 -44.60 -30.90
C ILE A 112 4.49 -44.35 -31.06
N ALA A 113 4.93 -43.38 -31.87
CA ALA A 113 6.37 -43.14 -32.08
C ALA A 113 7.06 -42.79 -30.74
N LEU A 114 6.41 -41.95 -29.93
CA LEU A 114 6.91 -41.59 -28.61
C LEU A 114 6.93 -42.82 -27.70
N TYR A 115 5.80 -43.56 -27.65
CA TYR A 115 5.66 -44.75 -26.83
C TYR A 115 6.78 -45.77 -27.16
N ARG A 116 6.98 -46.05 -28.45
CA ARG A 116 8.00 -47.00 -28.89
C ARG A 116 9.40 -46.60 -28.40
N GLU A 117 9.73 -45.30 -28.56
CA GLU A 117 11.03 -44.77 -28.18
C GLU A 117 11.24 -44.90 -26.67
N LEU A 118 10.20 -44.55 -25.88
CA LEU A 118 10.28 -44.66 -24.41
C LEU A 118 10.53 -46.12 -23.99
N MET A 119 9.82 -47.07 -24.60
CA MET A 119 9.95 -48.50 -24.26
C MET A 119 11.37 -48.98 -24.62
N ARG A 120 11.92 -48.53 -25.77
CA ARG A 120 13.27 -48.86 -26.21
C ARG A 120 14.32 -48.32 -25.21
N ARG A 121 14.06 -47.14 -24.59
CA ARG A 121 14.96 -46.53 -23.61
C ARG A 121 14.88 -47.20 -22.23
N GLY A 122 13.95 -48.14 -22.04
CA GLY A 122 13.82 -48.84 -20.77
C GLY A 122 12.82 -48.23 -19.80
N VAL A 123 12.00 -47.24 -20.26
CA VAL A 123 10.91 -46.69 -19.46
C VAL A 123 9.92 -47.83 -19.20
N SER A 124 9.51 -48.02 -17.92
CA SER A 124 8.66 -49.13 -17.52
C SER A 124 7.25 -49.03 -18.03
N GLU A 125 6.69 -47.80 -18.04
CA GLU A 125 5.32 -47.62 -18.50
C GLU A 125 5.14 -46.17 -18.92
N TYR A 126 4.20 -45.95 -19.81
CA TYR A 126 3.81 -44.61 -20.25
C TYR A 126 2.31 -44.50 -20.06
N LEU A 127 1.86 -43.55 -19.21
CA LEU A 127 0.45 -43.38 -18.92
C LEU A 127 -0.09 -42.14 -19.58
N THR A 128 -1.22 -42.28 -20.30
CA THR A 128 -1.78 -41.14 -21.03
C THR A 128 -3.01 -40.66 -20.32
N GLN A 129 -2.96 -39.40 -19.93
CA GLN A 129 -4.07 -38.74 -19.29
C GLN A 129 -5.16 -38.52 -20.35
N PRO A 130 -6.46 -38.57 -19.98
CA PRO A 130 -7.02 -38.75 -18.63
C PRO A 130 -7.00 -40.22 -18.18
N LEU A 131 -6.58 -40.39 -16.94
CA LEU A 131 -6.46 -41.65 -16.20
C LEU A 131 -7.30 -41.62 -14.97
N GLY A 132 -7.64 -42.79 -14.43
CA GLY A 132 -8.29 -42.91 -13.15
C GLY A 132 -7.30 -43.47 -12.12
N PRO A 133 -7.51 -43.25 -10.80
CA PRO A 133 -6.57 -43.79 -9.80
C PRO A 133 -6.35 -45.30 -9.91
N LEU A 134 -7.40 -46.10 -10.24
CA LEU A 134 -7.24 -47.57 -10.40
C LEU A 134 -6.25 -47.88 -11.53
N GLN A 135 -6.22 -47.06 -12.61
CA GLN A 135 -5.28 -47.30 -13.70
C GLN A 135 -3.84 -47.10 -13.20
N VAL A 136 -3.60 -46.10 -12.31
CA VAL A 136 -2.28 -45.86 -11.73
C VAL A 136 -1.87 -47.04 -10.84
N ILE A 137 -2.81 -47.52 -9.95
CA ILE A 137 -2.55 -48.63 -9.06
C ILE A 137 -2.18 -49.87 -9.88
N ARG A 138 -2.93 -50.14 -10.97
CA ARG A 138 -2.66 -51.31 -11.84
C ARG A 138 -1.31 -51.16 -12.55
N ALA A 139 -0.94 -49.94 -12.97
CA ALA A 139 0.36 -49.71 -13.63
C ALA A 139 1.51 -50.02 -12.66
N VAL A 140 1.40 -49.53 -11.41
CA VAL A 140 2.41 -49.78 -10.38
C VAL A 140 2.45 -51.29 -10.01
N GLY A 141 1.26 -51.86 -9.78
CA GLY A 141 1.13 -53.29 -9.45
C GLY A 141 1.75 -54.21 -10.48
N ALA A 142 1.53 -53.92 -11.77
CA ALA A 142 2.05 -54.70 -12.91
C ALA A 142 3.58 -54.72 -12.99
N LEU A 143 4.24 -53.70 -12.45
CA LEU A 143 5.71 -53.61 -12.48
C LEU A 143 6.37 -54.58 -11.49
N TYR A 144 5.62 -55.04 -10.49
CA TYR A 144 6.17 -55.92 -9.47
C TYR A 144 5.57 -57.33 -9.51
N ALA A 145 4.55 -57.55 -10.36
CA ALA A 145 3.90 -58.85 -10.54
C ALA A 145 4.84 -59.87 -11.20
N TYR B 16 -8.61 -29.00 5.39
CA TYR B 16 -9.26 -27.94 4.60
C TYR B 16 -8.46 -26.61 4.78
N PHE B 17 -9.11 -25.46 5.16
CA PHE B 17 -8.37 -24.19 5.38
C PHE B 17 -7.74 -24.13 6.78
N GLN B 18 -7.25 -25.26 7.27
CA GLN B 18 -6.58 -25.46 8.56
C GLN B 18 -5.47 -26.48 8.35
N GLY B 19 -4.59 -26.64 9.35
CA GLY B 19 -3.51 -27.61 9.26
C GLY B 19 -2.31 -27.14 8.45
N ILE B 20 -1.79 -28.00 7.54
CA ILE B 20 -0.58 -27.67 6.77
C ILE B 20 -0.97 -27.13 5.39
N PRO B 21 -0.75 -25.83 5.19
CA PRO B 21 -1.08 -25.21 3.89
C PRO B 21 -0.02 -25.51 2.82
N ARG B 22 -0.18 -24.88 1.62
CA ARG B 22 0.79 -25.10 0.54
C ARG B 22 2.09 -24.39 0.91
N ILE B 23 3.11 -25.17 1.21
CA ILE B 23 4.40 -24.64 1.59
C ILE B 23 5.51 -25.43 0.89
N THR B 24 6.70 -24.88 0.95
CA THR B 24 7.90 -25.57 0.48
CA THR B 24 7.88 -25.58 0.47
C THR B 24 8.74 -25.88 1.71
N ILE B 25 9.23 -27.12 1.82
CA ILE B 25 10.09 -27.52 2.93
C ILE B 25 11.41 -28.01 2.37
N HIS B 26 12.53 -27.51 2.90
CA HIS B 26 13.85 -28.05 2.55
C HIS B 26 14.42 -28.66 3.81
N ALA B 27 14.75 -29.94 3.78
CA ALA B 27 15.32 -30.60 4.96
C ALA B 27 16.78 -30.95 4.64
N PHE B 28 17.73 -30.51 5.49
CA PHE B 28 19.18 -30.80 5.34
C PHE B 28 19.58 -31.72 6.48
N CYS B 29 19.66 -33.02 6.15
CA CYS B 29 19.90 -34.08 7.14
C CYS B 29 21.38 -34.38 7.31
N ALA B 30 21.76 -34.82 8.53
CA ALA B 30 23.14 -35.18 8.88
C ALA B 30 23.26 -36.70 9.13
N ARG B 31 22.12 -37.35 9.40
CA ARG B 31 22.03 -38.79 9.65
C ARG B 31 21.09 -39.47 8.67
N PRO B 32 21.44 -40.66 8.15
CA PRO B 32 20.54 -41.36 7.21
C PRO B 32 19.18 -41.71 7.83
N GLU B 33 19.13 -41.99 9.15
CA GLU B 33 17.87 -42.30 9.83
C GLU B 33 16.92 -41.09 9.85
N THR B 34 17.49 -39.87 9.93
CA THR B 34 16.67 -38.64 9.91
C THR B 34 16.11 -38.42 8.51
N ALA B 35 16.93 -38.62 7.46
CA ALA B 35 16.46 -38.49 6.08
C ALA B 35 15.29 -39.44 5.82
N ALA B 36 15.38 -40.70 6.29
CA ALA B 36 14.32 -41.70 6.13
C ALA B 36 13.03 -41.28 6.85
N LEU B 37 13.15 -40.72 8.06
CA LEU B 37 12.03 -40.24 8.87
C LEU B 37 11.32 -39.08 8.15
N ILE B 38 12.08 -38.11 7.64
CA ILE B 38 11.51 -36.95 6.94
CA ILE B 38 11.49 -36.96 6.96
C ILE B 38 10.82 -37.42 5.66
N GLU B 39 11.46 -38.34 4.92
CA GLU B 39 10.84 -38.87 3.68
C GLU B 39 9.51 -39.61 4.01
N LYS B 40 9.48 -40.34 5.16
CA LYS B 40 8.27 -41.01 5.59
C LYS B 40 7.17 -39.99 5.95
N ALA B 41 7.54 -38.92 6.69
CA ALA B 41 6.61 -37.86 7.03
C ALA B 41 6.12 -37.14 5.76
N ALA B 42 7.01 -36.89 4.79
CA ALA B 42 6.66 -36.18 3.54
C ALA B 42 5.63 -36.98 2.71
N ALA B 43 5.65 -38.33 2.83
CA ALA B 43 4.73 -39.23 2.11
C ALA B 43 3.33 -39.33 2.78
N ASP B 44 3.19 -38.85 4.03
CA ASP B 44 1.90 -38.91 4.74
C ASP B 44 0.86 -38.00 4.06
N ARG B 45 -0.41 -38.47 3.99
CA ARG B 45 -1.50 -37.68 3.37
C ARG B 45 -1.62 -36.27 3.99
N ARG B 46 -1.34 -36.14 5.29
CA ARG B 46 -1.45 -34.85 5.97
C ARG B 46 -0.40 -33.84 5.51
N MET B 47 0.66 -34.31 4.82
CA MET B 47 1.73 -33.44 4.29
C MET B 47 1.62 -33.21 2.78
N SER B 48 0.47 -33.58 2.17
CA SER B 48 0.29 -33.50 0.70
C SER B 48 0.40 -32.08 0.13
N ARG B 49 0.13 -31.02 0.92
CA ARG B 49 0.23 -29.67 0.38
CA ARG B 49 0.23 -29.66 0.40
C ARG B 49 1.66 -29.14 0.47
N ALA B 50 2.55 -29.85 1.20
CA ALA B 50 3.93 -29.45 1.30
C ALA B 50 4.80 -30.10 0.22
N ALA B 51 5.62 -29.30 -0.48
CA ALA B 51 6.61 -29.76 -1.47
C ALA B 51 7.89 -29.87 -0.70
N THR B 52 8.36 -31.12 -0.41
N THR B 52 8.36 -31.09 -0.51
CA THR B 52 9.54 -31.37 0.44
CA THR B 52 9.56 -31.28 0.26
C THR B 52 10.76 -31.92 -0.28
C THR B 52 10.73 -31.55 -0.66
N ILE B 53 11.90 -31.20 -0.16
CA ILE B 53 13.16 -31.56 -0.79
C ILE B 53 14.07 -32.00 0.34
N VAL B 54 14.57 -33.23 0.26
CA VAL B 54 15.50 -33.74 1.27
C VAL B 54 16.92 -33.66 0.68
N ARG B 55 17.88 -33.17 1.48
CA ARG B 55 19.27 -33.05 1.07
C ARG B 55 20.17 -33.53 2.23
N ASP B 56 21.43 -33.86 1.94
CA ASP B 56 22.37 -34.26 2.98
C ASP B 56 23.25 -33.07 3.38
N GLY B 57 24.12 -33.26 4.36
CA GLY B 57 25.12 -32.25 4.74
C GLY B 57 24.75 -31.35 5.90
N GLY B 58 23.56 -31.56 6.44
CA GLY B 58 23.05 -30.86 7.61
C GLY B 58 23.05 -29.35 7.55
N LEU B 59 23.11 -28.73 8.73
CA LEU B 59 23.07 -27.28 8.84
C LEU B 59 24.20 -26.58 8.04
N GLU B 60 25.40 -27.17 8.03
CA GLU B 60 26.56 -26.65 7.30
CA GLU B 60 26.55 -26.63 7.29
C GLU B 60 26.22 -26.52 5.80
N ALA B 61 25.61 -27.56 5.22
CA ALA B 61 25.22 -27.53 3.79
C ALA B 61 24.11 -26.53 3.53
N ALA B 62 23.19 -26.32 4.51
CA ALA B 62 22.10 -25.35 4.34
C ALA B 62 22.68 -23.94 4.22
N VAL B 63 23.62 -23.61 5.12
CA VAL B 63 24.25 -22.28 5.12
C VAL B 63 24.92 -22.03 3.73
N ASP B 64 25.65 -23.04 3.20
CA ASP B 64 26.29 -22.92 1.89
CA ASP B 64 26.29 -22.91 1.89
C ASP B 64 25.27 -22.77 0.76
N TYR B 65 24.22 -23.60 0.79
CA TYR B 65 23.19 -23.59 -0.23
C TYR B 65 22.48 -22.25 -0.39
N TYR B 66 22.09 -21.61 0.73
CA TYR B 66 21.30 -20.38 0.67
C TYR B 66 22.14 -19.12 0.44
N GLN B 67 23.46 -19.26 0.22
CA GLN B 67 24.28 -18.09 -0.12
C GLN B 67 23.77 -17.47 -1.43
N ASN B 68 23.32 -18.31 -2.38
CA ASN B 68 22.84 -17.83 -3.69
C ASN B 68 21.46 -18.38 -4.05
N GLN B 69 20.68 -18.85 -3.05
CA GLN B 69 19.35 -19.39 -3.32
C GLN B 69 18.35 -18.82 -2.30
N PRO B 70 17.07 -18.61 -2.67
CA PRO B 70 16.09 -18.12 -1.68
C PRO B 70 15.72 -19.22 -0.69
N THR B 71 15.32 -18.85 0.54
CA THR B 71 14.91 -19.88 1.49
C THR B 71 13.43 -20.21 1.25
N PRO B 72 13.03 -21.45 1.51
CA PRO B 72 11.62 -21.83 1.33
C PRO B 72 10.80 -21.42 2.56
N SER B 73 9.54 -21.90 2.65
CA SER B 73 8.68 -21.59 3.79
C SER B 73 9.28 -22.09 5.09
N LEU B 74 9.83 -23.30 5.03
CA LEU B 74 10.35 -23.99 6.20
C LEU B 74 11.67 -24.67 5.88
N VAL B 75 12.69 -24.37 6.67
CA VAL B 75 14.02 -24.99 6.56
C VAL B 75 14.16 -25.93 7.75
N MET B 76 14.41 -27.22 7.52
CA MET B 76 14.65 -28.18 8.61
C MET B 76 16.12 -28.54 8.56
N VAL B 77 16.83 -28.36 9.65
CA VAL B 77 18.28 -28.61 9.61
C VAL B 77 18.69 -29.54 10.73
N GLU B 78 19.55 -30.49 10.41
CA GLU B 78 20.00 -31.39 11.43
C GLU B 78 21.45 -31.09 11.75
N THR B 79 21.71 -31.16 13.06
CA THR B 79 23.02 -30.92 13.64
C THR B 79 23.47 -32.10 14.53
N LEU B 80 24.77 -32.39 14.48
CA LEU B 80 25.38 -33.40 15.35
C LEU B 80 26.34 -32.68 16.32
N ASP B 81 26.34 -31.35 16.31
CA ASP B 81 27.26 -30.51 17.08
C ASP B 81 26.76 -30.16 18.47
N GLY B 82 27.67 -29.66 19.29
CA GLY B 82 27.36 -29.09 20.59
C GLY B 82 26.75 -27.71 20.42
N ALA B 83 26.30 -27.11 21.53
CA ALA B 83 25.58 -25.83 21.53
C ALA B 83 26.35 -24.70 20.86
N GLN B 84 27.65 -24.53 21.16
CA GLN B 84 28.47 -23.44 20.62
C GLN B 84 28.53 -23.46 19.09
N ARG B 85 28.87 -24.60 18.47
CA ARG B 85 28.96 -24.69 17.02
C ARG B 85 27.57 -24.57 16.38
N LEU B 86 26.54 -25.17 17.04
CA LEU B 86 25.16 -25.07 16.54
C LEU B 86 24.73 -23.59 16.48
N LEU B 87 24.95 -22.85 17.58
CA LEU B 87 24.56 -21.43 17.63
C LEU B 87 25.33 -20.57 16.62
N HIS B 88 26.63 -20.87 16.40
CA HIS B 88 27.43 -20.18 15.39
C HIS B 88 26.84 -20.40 13.98
N LEU B 89 26.51 -21.66 13.65
CA LEU B 89 25.96 -21.98 12.34
C LEU B 89 24.56 -21.38 12.17
N LEU B 90 23.76 -21.33 13.25
CA LEU B 90 22.42 -20.73 13.15
C LEU B 90 22.51 -19.23 12.89
N ASP B 91 23.52 -18.56 13.46
CA ASP B 91 23.79 -17.14 13.20
C ASP B 91 24.07 -16.96 11.68
N SER B 92 24.89 -17.85 11.08
CA SER B 92 25.21 -17.81 9.65
C SER B 92 23.96 -18.08 8.80
N LEU B 93 23.11 -19.03 9.25
CA LEU B 93 21.89 -19.34 8.51
C LEU B 93 20.94 -18.13 8.51
N ALA B 94 20.81 -17.47 9.69
CA ALA B 94 19.88 -16.34 9.84
C ALA B 94 20.22 -15.21 8.86
N GLN B 95 21.49 -15.06 8.50
CA GLN B 95 21.96 -14.03 7.58
C GLN B 95 21.46 -14.25 6.14
N VAL B 96 21.12 -15.51 5.79
CA VAL B 96 20.66 -15.83 4.43
C VAL B 96 19.18 -16.28 4.41
N CYS B 97 18.44 -15.92 5.47
CA CYS B 97 17.03 -16.26 5.54
CA CYS B 97 17.04 -16.24 5.65
C CYS B 97 16.18 -15.14 5.01
N ASP B 98 15.27 -15.49 4.10
CA ASP B 98 14.36 -14.51 3.50
C ASP B 98 13.14 -14.32 4.40
N PRO B 99 12.49 -13.15 4.40
CA PRO B 99 11.34 -12.94 5.31
C PRO B 99 10.25 -14.00 5.17
N GLY B 100 9.69 -14.42 6.31
CA GLY B 100 8.64 -15.44 6.33
C GLY B 100 9.16 -16.86 6.58
N THR B 101 10.46 -17.10 6.41
CA THR B 101 11.03 -18.45 6.59
C THR B 101 11.05 -18.85 8.09
N LYS B 102 10.62 -20.11 8.36
CA LYS B 102 10.65 -20.69 9.68
C LYS B 102 11.79 -21.70 9.69
N VAL B 103 12.43 -21.86 10.84
CA VAL B 103 13.55 -22.80 10.97
C VAL B 103 13.25 -23.81 12.06
N VAL B 104 13.38 -25.10 11.71
CA VAL B 104 13.21 -26.23 12.64
C VAL B 104 14.54 -26.95 12.73
N VAL B 105 15.03 -27.20 13.97
CA VAL B 105 16.30 -27.88 14.17
C VAL B 105 16.00 -29.30 14.63
N VAL B 106 16.73 -30.28 14.09
CA VAL B 106 16.67 -31.67 14.51
C VAL B 106 18.04 -31.93 15.16
N GLY B 107 18.05 -32.31 16.43
CA GLY B 107 19.34 -32.50 17.11
C GLY B 107 19.41 -33.78 17.88
N GLN B 108 20.61 -34.06 18.37
CA GLN B 108 20.89 -35.30 19.11
C GLN B 108 20.66 -35.13 20.63
N THR B 109 20.75 -33.90 21.16
CA THR B 109 20.68 -33.66 22.62
C THR B 109 19.24 -33.41 23.11
N ASN B 110 18.78 -34.27 24.01
CA ASN B 110 17.44 -34.11 24.60
C ASN B 110 17.61 -33.35 25.90
N ASP B 111 17.54 -32.01 25.83
CA ASP B 111 17.80 -31.13 26.97
C ASP B 111 16.88 -29.90 26.93
N ILE B 112 16.11 -29.70 28.01
CA ILE B 112 15.16 -28.57 28.07
C ILE B 112 15.91 -27.19 28.03
N ALA B 113 17.07 -27.05 28.71
CA ALA B 113 17.82 -25.77 28.70
C ALA B 113 18.24 -25.40 27.26
N LEU B 114 18.66 -26.40 26.45
CA LEU B 114 19.02 -26.14 25.06
C LEU B 114 17.79 -25.74 24.25
N TYR B 115 16.67 -26.47 24.45
CA TYR B 115 15.39 -26.18 23.81
C TYR B 115 15.00 -24.72 24.07
N ARG B 116 15.00 -24.31 25.34
CA ARG B 116 14.64 -22.93 25.72
C ARG B 116 15.56 -21.89 25.05
N GLU B 117 16.86 -22.15 24.99
CA GLU B 117 17.82 -21.23 24.36
C GLU B 117 17.53 -21.10 22.86
N LEU B 118 17.25 -22.23 22.19
CA LEU B 118 16.91 -22.20 20.75
C LEU B 118 15.62 -21.41 20.50
N MET B 119 14.60 -21.58 21.35
CA MET B 119 13.33 -20.83 21.23
C MET B 119 13.60 -19.34 21.39
N ARG B 120 14.45 -18.95 22.34
CA ARG B 120 14.82 -17.54 22.56
C ARG B 120 15.55 -16.95 21.33
N ARG B 121 16.33 -17.79 20.62
CA ARG B 121 17.07 -17.37 19.41
C ARG B 121 16.17 -17.29 18.17
N GLY B 122 14.90 -17.64 18.28
CA GLY B 122 13.97 -17.54 17.16
C GLY B 122 13.75 -18.81 16.36
N VAL B 123 14.33 -19.94 16.81
CA VAL B 123 14.11 -21.25 16.16
C VAL B 123 12.64 -21.63 16.42
N SER B 124 11.90 -22.10 15.40
CA SER B 124 10.48 -22.37 15.56
C SER B 124 10.20 -23.64 16.36
N GLU B 125 11.03 -24.66 16.20
CA GLU B 125 10.86 -25.93 16.92
C GLU B 125 12.18 -26.66 16.94
N TYR B 126 12.36 -27.48 17.95
CA TYR B 126 13.56 -28.29 18.11
C TYR B 126 13.10 -29.70 18.37
N LEU B 127 13.48 -30.64 17.49
CA LEU B 127 13.07 -32.04 17.59
C LEU B 127 14.27 -32.91 17.91
N THR B 128 14.06 -33.95 18.71
CA THR B 128 15.14 -34.86 19.03
C THR B 128 14.61 -36.32 19.08
N GLN B 129 15.52 -37.33 19.08
CA GLN B 129 15.13 -38.75 19.17
CA GLN B 129 15.11 -38.74 19.16
C GLN B 129 14.57 -39.06 20.59
N PRO B 130 13.58 -39.98 20.78
CA PRO B 130 12.86 -40.83 19.80
C PRO B 130 11.92 -39.99 18.95
N LEU B 131 12.17 -40.03 17.64
CA LEU B 131 11.45 -39.26 16.62
C LEU B 131 10.77 -40.19 15.64
N GLY B 132 9.50 -39.93 15.43
CA GLY B 132 8.63 -40.65 14.52
C GLY B 132 7.99 -39.69 13.53
N PRO B 133 7.49 -40.20 12.38
CA PRO B 133 6.89 -39.30 11.39
C PRO B 133 5.74 -38.45 11.91
N LEU B 134 4.91 -38.98 12.84
CA LEU B 134 3.79 -38.24 13.41
C LEU B 134 4.27 -36.99 14.20
N GLN B 135 5.43 -37.08 14.89
CA GLN B 135 5.98 -35.95 15.64
C GLN B 135 6.41 -34.85 14.67
N VAL B 136 6.93 -35.23 13.49
CA VAL B 136 7.32 -34.26 12.46
C VAL B 136 6.05 -33.56 11.94
N ILE B 137 5.01 -34.36 11.62
CA ILE B 137 3.75 -33.80 11.06
C ILE B 137 3.11 -32.83 12.06
N ARG B 138 3.06 -33.23 13.35
CA ARG B 138 2.50 -32.36 14.40
C ARG B 138 3.33 -31.08 14.56
N ALA B 139 4.68 -31.19 14.50
CA ALA B 139 5.56 -30.02 14.61
C ALA B 139 5.30 -29.03 13.46
N VAL B 140 5.15 -29.54 12.22
CA VAL B 140 4.88 -28.69 11.05
C VAL B 140 3.47 -28.06 11.20
N GLY B 141 2.49 -28.88 11.56
CA GLY B 141 1.11 -28.41 11.77
C GLY B 141 0.98 -27.28 12.78
N ALA B 142 1.71 -27.41 13.91
CA ALA B 142 1.72 -26.41 14.99
C ALA B 142 2.28 -25.04 14.55
N LEU B 143 3.19 -25.03 13.56
CA LEU B 143 3.77 -23.77 13.07
C LEU B 143 2.79 -22.93 12.25
N TYR B 144 1.76 -23.57 11.68
CA TYR B 144 0.80 -22.86 10.82
C TYR B 144 -0.59 -22.76 11.44
N ALA B 145 -0.78 -23.29 12.65
CA ALA B 145 -2.04 -23.20 13.38
C ALA B 145 -2.27 -21.75 13.82
N ASP B 146 -3.41 -21.14 13.44
CA ASP B 146 -3.74 -19.76 13.80
C ASP B 146 -4.62 -19.73 15.05
N HIS C 12 18.59 -9.43 24.28
CA HIS C 12 18.15 -9.62 22.90
C HIS C 12 18.93 -10.77 22.24
N GLU C 13 18.35 -11.97 22.23
CA GLU C 13 19.02 -13.15 21.67
C GLU C 13 18.41 -13.57 20.33
N ASN C 14 17.21 -13.06 20.02
CA ASN C 14 16.48 -13.44 18.81
C ASN C 14 17.33 -13.19 17.53
N LEU C 15 17.34 -14.18 16.63
CA LEU C 15 18.10 -14.05 15.37
C LEU C 15 17.21 -13.51 14.22
N TYR C 16 15.92 -13.35 14.48
CA TYR C 16 14.92 -12.81 13.54
C TYR C 16 14.93 -13.56 12.20
N PHE C 17 14.82 -14.92 12.22
CA PHE C 17 14.77 -15.67 10.95
C PHE C 17 13.60 -15.21 10.04
N GLN C 18 12.45 -14.87 10.65
CA GLN C 18 11.23 -14.41 9.97
C GLN C 18 11.41 -13.03 9.34
N GLY C 19 12.45 -12.31 9.78
CA GLY C 19 12.77 -10.96 9.27
C GLY C 19 12.01 -9.84 9.97
N ILE C 20 12.49 -8.61 9.76
CA ILE C 20 11.91 -7.40 10.34
C ILE C 20 10.59 -7.08 9.58
N PRO C 21 9.55 -6.47 10.21
CA PRO C 21 8.31 -6.19 9.44
C PRO C 21 8.48 -5.09 8.38
N ARG C 22 7.44 -4.88 7.58
CA ARG C 22 7.48 -3.90 6.50
C ARG C 22 7.43 -2.49 7.09
N ILE C 23 8.58 -1.83 7.06
CA ILE C 23 8.77 -0.48 7.62
C ILE C 23 9.68 0.31 6.72
N THR C 24 9.73 1.64 6.93
CA THR C 24 10.65 2.54 6.23
CA THR C 24 10.65 2.51 6.22
C THR C 24 11.64 3.03 7.24
N ILE C 25 12.93 2.95 6.92
CA ILE C 25 14.01 3.41 7.79
C ILE C 25 14.81 4.48 7.07
N HIS C 26 15.06 5.61 7.72
CA HIS C 26 15.97 6.63 7.17
C HIS C 26 17.14 6.73 8.14
N ALA C 27 18.37 6.51 7.67
CA ALA C 27 19.53 6.65 8.54
C ALA C 27 20.34 7.84 8.07
N PHE C 28 20.68 8.77 9.01
CA PHE C 28 21.49 9.97 8.69
C PHE C 28 22.80 9.84 9.43
N CYS C 29 23.82 9.38 8.72
CA CYS C 29 25.14 9.11 9.33
C CYS C 29 26.07 10.30 9.24
N ALA C 30 27.01 10.36 10.18
CA ALA C 30 28.02 11.42 10.23
C ALA C 30 29.41 10.84 10.01
N ARG C 31 29.60 9.53 10.21
CA ARG C 31 30.92 8.88 10.10
C ARG C 31 30.88 7.78 9.04
N PRO C 32 31.97 7.62 8.24
CA PRO C 32 31.97 6.56 7.20
C PRO C 32 31.81 5.15 7.77
N GLU C 33 32.37 4.87 8.94
CA GLU C 33 32.26 3.54 9.57
C GLU C 33 30.79 3.21 9.91
N THR C 34 30.03 4.22 10.35
CA THR C 34 28.61 4.04 10.70
C THR C 34 27.80 3.80 9.44
N ALA C 35 28.02 4.58 8.37
CA ALA C 35 27.31 4.42 7.10
C ALA C 35 27.55 3.03 6.55
N ALA C 36 28.82 2.53 6.63
CA ALA C 36 29.17 1.19 6.12
C ALA C 36 28.47 0.08 6.91
N LEU C 37 28.40 0.22 8.25
CA LEU C 37 27.73 -0.72 9.15
C LEU C 37 26.22 -0.78 8.86
N ILE C 38 25.59 0.39 8.75
CA ILE C 38 24.15 0.44 8.48
C ILE C 38 23.86 -0.10 7.07
N GLU C 39 24.72 0.19 6.08
CA GLU C 39 24.52 -0.33 4.72
C GLU C 39 24.62 -1.85 4.73
N LYS C 40 25.52 -2.40 5.54
CA LYS C 40 25.67 -3.84 5.68
C LYS C 40 24.42 -4.45 6.31
N ALA C 41 23.89 -3.83 7.40
CA ALA C 41 22.65 -4.26 8.05
C ALA C 41 21.47 -4.17 7.09
N ALA C 42 21.37 -3.08 6.33
CA ALA C 42 20.26 -2.87 5.40
C ALA C 42 20.21 -3.92 4.30
N ALA C 43 21.39 -4.43 3.90
CA ALA C 43 21.52 -5.43 2.82
C ALA C 43 21.30 -6.87 3.34
N ASP C 44 21.12 -7.06 4.66
CA ASP C 44 20.91 -8.39 5.24
C ASP C 44 19.53 -8.89 4.79
N ARG C 45 19.41 -10.18 4.45
CA ARG C 45 18.12 -10.68 3.96
C ARG C 45 17.02 -10.61 5.02
N ARG C 46 17.36 -10.50 6.32
CA ARG C 46 16.34 -10.33 7.36
C ARG C 46 15.70 -8.94 7.28
N MET C 47 16.35 -8.02 6.55
CA MET C 47 15.86 -6.62 6.43
C MET C 47 15.17 -6.37 5.08
N SER C 48 14.90 -7.44 4.30
CA SER C 48 14.31 -7.32 2.95
C SER C 48 12.91 -6.67 2.92
N ARG C 49 12.12 -6.74 4.01
CA ARG C 49 10.80 -6.07 4.01
C ARG C 49 10.94 -4.56 4.32
N ALA C 50 12.10 -4.14 4.84
CA ALA C 50 12.35 -2.74 5.22
C ALA C 50 12.90 -1.94 4.04
N ALA C 51 12.35 -0.75 3.80
CA ALA C 51 12.93 0.14 2.79
C ALA C 51 13.89 1.03 3.55
N THR C 52 15.21 0.77 3.44
CA THR C 52 16.21 1.51 4.23
C THR C 52 17.03 2.47 3.35
N ILE C 53 16.99 3.76 3.68
CA ILE C 53 17.73 4.80 2.94
C ILE C 53 18.80 5.32 3.86
N VAL C 54 20.05 5.20 3.42
CA VAL C 54 21.19 5.68 4.20
C VAL C 54 21.70 6.96 3.54
N ARG C 55 21.72 8.05 4.32
CA ARG C 55 22.13 9.39 3.89
C ARG C 55 23.26 9.89 4.78
N ASP C 56 24.00 10.88 4.30
CA ASP C 56 25.07 11.47 5.10
C ASP C 56 24.51 12.76 5.72
N GLY C 57 25.35 13.49 6.43
CA GLY C 57 24.95 14.77 7.00
C GLY C 57 24.47 14.74 8.44
N GLY C 58 24.35 13.51 8.97
CA GLY C 58 24.00 13.27 10.37
C GLY C 58 22.69 13.85 10.84
N LEU C 59 22.56 14.00 12.15
CA LEU C 59 21.36 14.51 12.79
C LEU C 59 21.02 15.94 12.29
N GLU C 60 22.02 16.78 12.00
CA GLU C 60 21.79 18.12 11.46
C GLU C 60 21.02 18.05 10.14
N ALA C 61 21.42 17.13 9.21
CA ALA C 61 20.70 16.95 7.94
C ALA C 61 19.29 16.40 8.18
N ALA C 62 19.10 15.52 9.19
CA ALA C 62 17.78 14.95 9.48
C ALA C 62 16.81 16.05 9.93
N VAL C 63 17.25 16.93 10.84
CA VAL C 63 16.42 18.03 11.35
C VAL C 63 15.97 18.90 10.16
N ASP C 64 16.90 19.23 9.24
CA ASP C 64 16.58 20.05 8.06
CA ASP C 64 16.58 20.05 8.06
C ASP C 64 15.60 19.32 7.14
N TYR C 65 15.87 18.04 6.86
CA TYR C 65 15.06 17.23 5.96
C TYR C 65 13.59 17.16 6.39
N TYR C 66 13.30 16.92 7.67
CA TYR C 66 11.93 16.71 8.15
C TYR C 66 11.16 18.00 8.44
N GLN C 67 11.75 19.18 8.13
CA GLN C 67 10.99 20.42 8.28
C GLN C 67 9.79 20.40 7.33
N ASN C 68 9.95 19.86 6.11
CA ASN C 68 8.90 19.81 5.10
C ASN C 68 8.64 18.40 4.57
N GLN C 69 9.12 17.35 5.27
CA GLN C 69 8.90 15.96 4.84
C GLN C 69 8.40 15.16 6.02
N PRO C 70 7.52 14.16 5.81
CA PRO C 70 7.05 13.35 6.96
C PRO C 70 8.13 12.38 7.43
N THR C 71 8.12 12.01 8.72
CA THR C 71 9.11 11.07 9.22
C THR C 71 8.67 9.61 8.89
N PRO C 72 9.65 8.71 8.65
CA PRO C 72 9.33 7.30 8.37
C PRO C 72 9.07 6.53 9.67
N SER C 73 8.96 5.18 9.60
CA SER C 73 8.75 4.35 10.79
C SER C 73 9.91 4.52 11.78
N LEU C 74 11.13 4.56 11.27
CA LEU C 74 12.31 4.61 12.09
C LEU C 74 13.34 5.60 11.52
N VAL C 75 13.81 6.50 12.35
CA VAL C 75 14.87 7.47 12.01
C VAL C 75 16.12 7.09 12.81
N MET C 76 17.23 6.82 12.12
CA MET C 76 18.51 6.52 12.79
C MET C 76 19.42 7.73 12.60
N VAL C 77 20.00 8.25 13.67
CA VAL C 77 20.79 9.47 13.54
C VAL C 77 22.14 9.36 14.26
N GLU C 78 23.10 10.16 13.79
CA GLU C 78 24.46 10.21 14.35
C GLU C 78 24.94 11.67 14.29
N THR C 79 25.82 12.13 15.20
CA THR C 79 26.41 13.47 15.08
C THR C 79 27.92 13.40 15.39
N LEU C 80 28.71 14.34 14.86
CA LEU C 80 30.14 14.45 15.22
C LEU C 80 30.40 15.44 16.36
N ASP C 81 29.37 16.17 16.77
N ASP C 81 29.39 16.25 16.72
CA ASP C 81 29.50 17.10 17.88
CA ASP C 81 29.53 17.43 17.58
C ASP C 81 29.30 16.32 19.17
C ASP C 81 29.41 17.31 19.15
N GLY C 82 29.53 16.98 20.30
N GLY C 82 29.26 16.10 19.73
CA GLY C 82 29.38 16.34 21.60
CA GLY C 82 29.22 15.96 21.19
C GLY C 82 27.94 16.17 22.03
C GLY C 82 27.84 15.84 21.83
N ALA C 83 27.78 15.49 23.17
CA ALA C 83 26.52 15.24 23.92
C ALA C 83 25.57 16.46 24.01
N GLN C 84 26.12 17.65 24.35
CA GLN C 84 25.33 18.88 24.48
CA GLN C 84 25.37 18.89 24.47
C GLN C 84 24.65 19.24 23.15
N ARG C 85 25.40 19.24 22.03
CA ARG C 85 24.84 19.57 20.72
C ARG C 85 23.88 18.45 20.28
N LEU C 86 24.18 17.17 20.57
CA LEU C 86 23.28 16.06 20.25
C LEU C 86 21.91 16.28 20.92
N LEU C 87 21.90 16.63 22.22
CA LEU C 87 20.65 16.83 22.96
C LEU C 87 19.84 18.04 22.43
N HIS C 88 20.52 19.14 22.03
CA HIS C 88 19.85 20.31 21.44
C HIS C 88 19.23 19.93 20.09
N LEU C 89 19.99 19.23 19.24
CA LEU C 89 19.47 18.81 17.94
C LEU C 89 18.31 17.79 18.07
N LEU C 90 18.34 16.93 19.10
CA LEU C 90 17.25 15.97 19.32
C LEU C 90 15.97 16.70 19.71
N ASP C 91 16.11 17.82 20.45
CA ASP C 91 14.93 18.65 20.80
C ASP C 91 14.30 19.20 19.48
N SER C 92 15.14 19.66 18.52
CA SER C 92 14.68 20.15 17.21
C SER C 92 14.05 19.03 16.39
N LEU C 93 14.65 17.84 16.42
CA LEU C 93 14.10 16.68 15.70
C LEU C 93 12.70 16.29 16.26
N ALA C 94 12.57 16.30 17.61
CA ALA C 94 11.30 15.91 18.24
C ALA C 94 10.15 16.81 17.78
N GLN C 95 10.44 18.07 17.43
CA GLN C 95 9.40 19.01 16.96
C GLN C 95 8.82 18.59 15.61
N VAL C 96 9.56 17.79 14.80
CA VAL C 96 9.13 17.44 13.45
C VAL C 96 8.88 15.94 13.30
N CYS C 97 8.71 15.20 14.43
CA CYS C 97 8.43 13.77 14.38
C CYS C 97 6.93 13.51 14.36
N ASP C 98 6.47 12.74 13.37
CA ASP C 98 5.07 12.41 13.15
C ASP C 98 4.66 11.17 13.99
N PRO C 99 3.33 10.88 14.16
CA PRO C 99 2.93 9.71 14.95
C PRO C 99 3.55 8.41 14.46
N GLY C 100 3.95 7.60 15.42
CA GLY C 100 4.49 6.26 15.15
C GLY C 100 5.98 6.22 14.93
N THR C 101 6.62 7.37 14.69
CA THR C 101 8.07 7.38 14.42
C THR C 101 8.88 7.09 15.67
N LYS C 102 9.87 6.17 15.52
CA LYS C 102 10.82 5.81 16.54
C LYS C 102 12.18 6.39 16.15
N VAL C 103 12.96 6.77 17.15
CA VAL C 103 14.29 7.36 16.90
C VAL C 103 15.35 6.50 17.57
N VAL C 104 16.40 6.18 16.82
CA VAL C 104 17.55 5.41 17.32
C VAL C 104 18.80 6.30 17.12
N VAL C 105 19.61 6.43 18.16
CA VAL C 105 20.82 7.26 18.08
C VAL C 105 22.03 6.33 18.04
N VAL C 106 22.99 6.64 17.15
CA VAL C 106 24.27 5.94 17.07
C VAL C 106 25.31 6.93 17.57
N GLY C 107 26.08 6.54 18.58
CA GLY C 107 27.07 7.47 19.09
C GLY C 107 28.40 6.82 19.42
N GLN C 108 29.39 7.65 19.72
CA GLN C 108 30.72 7.15 20.08
C GLN C 108 30.86 7.00 21.57
N THR C 109 30.15 7.84 22.31
CA THR C 109 30.31 8.03 23.75
C THR C 109 29.67 6.90 24.58
N ASN C 110 30.48 6.34 25.44
CA ASN C 110 30.05 5.29 26.35
C ASN C 110 29.81 5.94 27.71
N ASP C 111 28.67 6.61 27.87
CA ASP C 111 28.40 7.41 29.07
C ASP C 111 26.99 7.16 29.57
N ILE C 112 26.88 6.71 30.83
CA ILE C 112 25.55 6.38 31.38
C ILE C 112 24.67 7.63 31.50
N ALA C 113 25.24 8.80 31.87
CA ALA C 113 24.41 10.02 32.01
C ALA C 113 23.76 10.38 30.68
N LEU C 114 24.49 10.24 29.55
CA LEU C 114 23.93 10.51 28.23
C LEU C 114 22.84 9.49 27.92
N TYR C 115 23.15 8.21 28.12
CA TYR C 115 22.21 7.12 27.87
C TYR C 115 20.89 7.35 28.65
N ARG C 116 21.00 7.65 29.94
CA ARG C 116 19.80 7.89 30.77
C ARG C 116 18.95 9.05 30.22
N GLU C 117 19.61 10.16 29.81
CA GLU C 117 18.94 11.34 29.29
C GLU C 117 18.21 11.00 27.99
N LEU C 118 18.87 10.24 27.09
CA LEU C 118 18.25 9.85 25.83
C LEU C 118 17.00 9.00 26.08
N MET C 119 17.10 8.02 26.99
CA MET C 119 15.95 7.14 27.32
C MET C 119 14.80 7.96 27.92
N ARG C 120 15.12 8.92 28.79
CA ARG C 120 14.14 9.80 29.42
C ARG C 120 13.38 10.63 28.37
N ARG C 121 14.08 11.04 27.29
CA ARG C 121 13.51 11.83 26.20
C ARG C 121 12.69 10.98 25.23
N GLY C 122 12.67 9.67 25.41
CA GLY C 122 11.89 8.78 24.54
C GLY C 122 12.63 8.27 23.31
N VAL C 123 13.98 8.40 23.30
CA VAL C 123 14.80 7.77 22.24
C VAL C 123 14.64 6.25 22.45
N SER C 124 14.39 5.49 21.36
CA SER C 124 14.09 4.06 21.44
C SER C 124 15.30 3.23 21.78
N GLU C 125 16.48 3.61 21.29
CA GLU C 125 17.69 2.85 21.55
C GLU C 125 18.89 3.75 21.30
N TYR C 126 19.98 3.45 22.00
CA TYR C 126 21.26 4.13 21.78
C TYR C 126 22.30 3.07 21.49
N LEU C 127 22.91 3.13 20.31
CA LEU C 127 23.92 2.14 19.90
C LEU C 127 25.32 2.74 19.92
N THR C 128 26.28 2.01 20.50
CA THR C 128 27.68 2.47 20.52
C THR C 128 28.59 1.26 20.28
N GLN C 129 29.87 1.53 20.05
CA GLN C 129 30.89 0.49 19.79
C GLN C 129 31.15 -0.38 21.04
N PRO C 130 31.38 -1.73 20.91
CA PRO C 130 31.50 -2.51 19.66
C PRO C 130 30.11 -2.74 19.02
N LEU C 131 30.02 -2.43 17.74
CA LEU C 131 28.78 -2.54 17.00
C LEU C 131 28.99 -3.26 15.69
N GLY C 132 28.19 -4.28 15.48
CA GLY C 132 28.14 -5.04 14.25
C GLY C 132 26.75 -4.99 13.61
N PRO C 133 26.61 -5.43 12.35
CA PRO C 133 25.28 -5.38 11.69
C PRO C 133 24.19 -6.13 12.45
N LEU C 134 24.52 -7.26 13.12
CA LEU C 134 23.53 -8.03 13.87
C LEU C 134 22.93 -7.20 15.01
N GLN C 135 23.74 -6.37 15.71
CA GLN C 135 23.22 -5.49 16.77
C GLN C 135 22.24 -4.48 16.22
N VAL C 136 22.46 -3.99 14.99
CA VAL C 136 21.54 -3.04 14.37
C VAL C 136 20.21 -3.79 14.05
N ILE C 137 20.31 -4.99 13.46
CA ILE C 137 19.12 -5.79 13.10
C ILE C 137 18.33 -6.13 14.37
N ARG C 138 19.01 -6.53 15.46
CA ARG C 138 18.33 -6.84 16.72
C ARG C 138 17.68 -5.60 17.32
N ALA C 139 18.33 -4.41 17.23
CA ALA C 139 17.78 -3.17 17.75
C ALA C 139 16.49 -2.82 17.01
N VAL C 140 16.48 -2.95 15.66
CA VAL C 140 15.28 -2.69 14.84
C VAL C 140 14.19 -3.73 15.17
N GLY C 141 14.56 -5.01 15.15
CA GLY C 141 13.65 -6.11 15.43
C GLY C 141 12.95 -6.00 16.78
N ALA C 142 13.72 -5.62 17.83
CA ALA C 142 13.21 -5.47 19.20
C ALA C 142 12.17 -4.37 19.34
N LEU C 143 12.22 -3.35 18.48
CA LEU C 143 11.28 -2.24 18.54
C LEU C 143 9.90 -2.60 18.07
N TYR C 144 9.76 -3.71 17.31
CA TYR C 144 8.47 -4.14 16.77
C TYR C 144 8.00 -5.49 17.33
N ASN D 14 4.63 20.32 22.62
CA ASN D 14 5.06 19.34 23.62
C ASN D 14 6.55 19.05 23.48
N LEU D 15 7.21 18.59 24.57
CA LEU D 15 8.65 18.33 24.55
C LEU D 15 8.95 16.83 24.51
N TYR D 16 10.06 16.48 23.81
CA TYR D 16 10.70 15.18 23.62
C TYR D 16 9.86 14.21 22.78
N PHE D 17 10.34 12.96 22.63
CA PHE D 17 9.72 12.02 21.71
C PHE D 17 8.40 11.42 22.26
N GLN D 18 8.04 11.74 23.50
CA GLN D 18 6.74 11.35 24.09
C GLN D 18 5.72 12.48 23.83
N GLY D 19 4.52 12.34 24.37
CA GLY D 19 3.49 13.36 24.24
C GLY D 19 2.86 13.46 22.87
N ILE D 20 2.39 14.66 22.51
CA ILE D 20 1.69 14.96 21.27
C ILE D 20 2.71 15.29 20.16
N PRO D 21 2.76 14.39 19.18
CA PRO D 21 3.68 14.56 18.05
C PRO D 21 3.15 15.58 17.03
N ARG D 22 3.90 15.73 15.92
CA ARG D 22 3.50 16.66 14.85
C ARG D 22 2.26 16.08 14.15
N ILE D 23 1.11 16.74 14.35
CA ILE D 23 -0.14 16.27 13.76
C ILE D 23 -0.94 17.45 13.26
N THR D 24 -1.95 17.16 12.45
CA THR D 24 -2.92 18.16 12.00
C THR D 24 -4.26 17.80 12.68
N ILE D 25 -4.96 18.81 13.22
CA ILE D 25 -6.27 18.66 13.85
C ILE D 25 -7.29 19.55 13.16
N HIS D 26 -8.41 18.97 12.75
CA HIS D 26 -9.53 19.78 12.21
C HIS D 26 -10.68 19.61 13.19
N ALA D 27 -11.18 20.71 13.77
CA ALA D 27 -12.33 20.62 14.67
C ALA D 27 -13.56 21.29 14.05
N PHE D 28 -14.72 20.61 14.10
CA PHE D 28 -15.98 21.13 13.51
C PHE D 28 -16.95 21.29 14.68
N CYS D 29 -17.13 22.52 15.15
CA CYS D 29 -17.91 22.85 16.34
C CYS D 29 -19.41 23.06 16.06
N ALA D 30 -20.24 22.93 17.10
CA ALA D 30 -21.68 23.10 16.98
C ALA D 30 -22.18 24.18 17.96
N ARG D 31 -21.34 24.56 18.93
CA ARG D 31 -21.63 25.62 19.92
C ARG D 31 -20.55 26.70 19.82
N PRO D 32 -20.92 28.00 19.92
CA PRO D 32 -19.89 29.06 19.79
C PRO D 32 -18.79 28.98 20.86
N GLU D 33 -19.13 28.51 22.07
CA GLU D 33 -18.17 28.43 23.17
C GLU D 33 -17.09 27.38 22.93
N THR D 34 -17.45 26.31 22.17
CA THR D 34 -16.57 25.17 21.95
C THR D 34 -15.33 25.59 21.17
N ALA D 35 -15.45 26.47 20.14
CA ALA D 35 -14.26 26.88 19.38
C ALA D 35 -13.25 27.50 20.29
N ALA D 36 -13.70 28.40 21.22
CA ALA D 36 -12.79 29.06 22.16
C ALA D 36 -12.08 28.06 23.08
N LEU D 37 -12.78 27.01 23.52
CA LEU D 37 -12.19 25.99 24.39
C LEU D 37 -11.11 25.17 23.65
N ILE D 38 -11.42 24.76 22.40
CA ILE D 38 -10.48 23.98 21.60
C ILE D 38 -9.29 24.89 21.24
N GLU D 39 -9.56 26.18 20.89
CA GLU D 39 -8.50 27.15 20.60
C GLU D 39 -7.61 27.33 21.79
N LYS D 40 -8.17 27.36 23.01
CA LYS D 40 -7.40 27.50 24.24
C LYS D 40 -6.46 26.31 24.37
N ALA D 41 -6.98 25.09 24.17
CA ALA D 41 -6.16 23.88 24.21
C ALA D 41 -5.08 23.92 23.09
N ALA D 42 -5.49 24.25 21.85
CA ALA D 42 -4.62 24.28 20.66
C ALA D 42 -3.52 25.33 20.77
N ALA D 43 -3.79 26.45 21.45
CA ALA D 43 -2.86 27.56 21.61
C ALA D 43 -1.88 27.32 22.75
N ASP D 44 -2.08 26.26 23.56
CA ASP D 44 -1.20 25.95 24.68
C ASP D 44 0.15 25.47 24.17
N ARG D 45 1.23 25.83 24.91
CA ARG D 45 2.60 25.40 24.57
C ARG D 45 2.71 23.84 24.50
N ARG D 46 1.89 23.08 25.26
CA ARG D 46 1.88 21.61 25.27
CA ARG D 46 1.87 21.60 25.27
C ARG D 46 1.35 21.02 23.93
N MET D 47 0.66 21.81 23.13
CA MET D 47 0.09 21.37 21.86
C MET D 47 0.79 21.99 20.66
N SER D 48 2.02 22.55 20.88
CA SER D 48 2.77 23.31 19.86
C SER D 48 3.09 22.53 18.62
N ARG D 49 3.14 21.19 18.71
CA ARG D 49 3.46 20.39 17.51
CA ARG D 49 3.45 20.37 17.52
C ARG D 49 2.20 20.14 16.68
N ALA D 50 1.01 20.46 17.22
CA ALA D 50 -0.24 20.29 16.47
C ALA D 50 -0.67 21.56 15.70
N ALA D 51 -1.00 21.42 14.42
CA ALA D 51 -1.58 22.47 13.55
C ALA D 51 -3.08 22.30 13.65
N THR D 52 -3.81 23.31 14.13
CA THR D 52 -5.25 23.14 14.33
CA THR D 52 -5.25 23.16 14.30
C THR D 52 -6.04 24.13 13.45
N ILE D 53 -7.17 23.64 12.94
CA ILE D 53 -8.12 24.48 12.18
C ILE D 53 -9.47 24.23 12.84
N VAL D 54 -10.07 25.25 13.43
CA VAL D 54 -11.37 25.11 14.06
C VAL D 54 -12.40 25.88 13.22
N ARG D 55 -13.54 25.26 12.97
CA ARG D 55 -14.63 25.91 12.21
C ARG D 55 -15.98 25.45 12.74
N ASP D 56 -17.08 26.12 12.37
CA ASP D 56 -18.43 25.72 12.82
C ASP D 56 -19.07 24.67 11.85
N GLY D 57 -20.28 24.24 12.17
CA GLY D 57 -21.04 23.36 11.29
C GLY D 57 -21.11 21.90 11.65
N GLY D 58 -20.41 21.51 12.72
CA GLY D 58 -20.42 20.15 13.27
C GLY D 58 -20.18 19.02 12.26
N LEU D 59 -20.78 17.83 12.54
CA LEU D 59 -20.60 16.64 11.71
CA LEU D 59 -20.58 16.66 11.69
C LEU D 59 -20.99 16.88 10.27
N GLU D 60 -22.12 17.60 10.01
CA GLU D 60 -22.56 17.83 8.62
C GLU D 60 -21.51 18.60 7.82
N ALA D 61 -20.85 19.61 8.43
CA ALA D 61 -19.83 20.35 7.71
C ALA D 61 -18.60 19.44 7.45
N ALA D 62 -18.26 18.56 8.42
CA ALA D 62 -17.10 17.66 8.26
C ALA D 62 -17.34 16.69 7.08
N VAL D 63 -18.52 16.09 7.04
CA VAL D 63 -18.93 15.16 5.98
C VAL D 63 -18.83 15.85 4.61
N ASP D 64 -19.34 17.07 4.49
CA ASP D 64 -19.28 17.83 3.23
C ASP D 64 -17.85 18.16 2.85
N TYR D 65 -17.06 18.67 3.81
CA TYR D 65 -15.69 19.09 3.57
C TYR D 65 -14.82 17.95 3.02
N TYR D 66 -14.91 16.74 3.61
CA TYR D 66 -14.02 15.64 3.24
C TYR D 66 -14.47 14.87 1.99
N GLN D 67 -15.55 15.30 1.33
CA GLN D 67 -15.94 14.65 0.07
C GLN D 67 -14.81 14.78 -0.96
N ASN D 68 -14.13 15.94 -1.00
CA ASN D 68 -13.05 16.21 -1.96
C ASN D 68 -11.75 16.67 -1.30
N GLN D 69 -11.61 16.48 0.02
CA GLN D 69 -10.40 16.86 0.72
C GLN D 69 -9.91 15.74 1.61
N PRO D 70 -8.58 15.57 1.77
CA PRO D 70 -8.11 14.48 2.63
C PRO D 70 -8.33 14.78 4.11
N THR D 71 -8.48 13.73 4.94
CA THR D 71 -8.67 13.94 6.38
C THR D 71 -7.30 14.15 7.03
N PRO D 72 -7.28 14.95 8.11
CA PRO D 72 -6.01 15.17 8.84
C PRO D 72 -5.74 14.02 9.82
N SER D 73 -4.73 14.19 10.70
CA SER D 73 -4.43 13.15 11.69
C SER D 73 -5.58 12.91 12.65
N LEU D 74 -6.27 14.02 13.03
CA LEU D 74 -7.33 13.96 14.00
CA LEU D 74 -7.34 13.94 14.00
C LEU D 74 -8.50 14.87 13.60
N VAL D 75 -9.71 14.31 13.56
CA VAL D 75 -10.94 15.05 13.25
C VAL D 75 -11.74 15.15 14.56
N MET D 76 -12.06 16.38 15.02
CA MET D 76 -12.87 16.54 16.24
C MET D 76 -14.22 17.05 15.78
N VAL D 77 -15.29 16.39 16.15
CA VAL D 77 -16.61 16.83 15.69
C VAL D 77 -17.54 17.00 16.89
N GLU D 78 -18.29 18.10 16.93
CA GLU D 78 -19.22 18.32 18.05
C GLU D 78 -20.60 18.05 17.57
N THR D 79 -21.41 17.42 18.44
CA THR D 79 -22.77 17.07 18.10
C THR D 79 -23.74 17.55 19.20
N LEU D 80 -24.93 17.96 18.77
CA LEU D 80 -25.99 18.35 19.68
C LEU D 80 -27.12 17.35 19.54
N ASP D 81 -26.94 16.29 18.70
CA ASP D 81 -27.97 15.31 18.34
C ASP D 81 -28.07 14.12 19.27
N GLY D 82 -29.18 13.40 19.15
CA GLY D 82 -29.39 12.12 19.82
C GLY D 82 -28.63 11.04 19.07
N ALA D 83 -28.61 9.83 19.64
CA ALA D 83 -27.85 8.71 19.15
C ALA D 83 -28.10 8.39 17.68
N GLN D 84 -29.37 8.31 17.23
CA GLN D 84 -29.72 7.92 15.86
C GLN D 84 -29.09 8.83 14.80
N ARG D 85 -29.27 10.15 14.92
CA ARG D 85 -28.70 11.09 13.97
C ARG D 85 -27.16 11.10 14.06
N LEU D 86 -26.62 11.07 15.29
CA LEU D 86 -25.17 11.05 15.49
C LEU D 86 -24.56 9.83 14.76
N LEU D 87 -25.13 8.63 14.99
CA LEU D 87 -24.62 7.39 14.37
C LEU D 87 -24.73 7.40 12.85
N HIS D 88 -25.80 8.01 12.30
CA HIS D 88 -25.96 8.15 10.86
C HIS D 88 -24.86 9.05 10.27
N LEU D 89 -24.59 10.18 10.92
CA LEU D 89 -23.58 11.12 10.42
C LEU D 89 -22.17 10.54 10.58
N LEU D 90 -21.94 9.75 11.64
CA LEU D 90 -20.60 9.13 11.83
C LEU D 90 -20.35 8.09 10.74
N ASP D 91 -21.40 7.38 10.31
CA ASP D 91 -21.31 6.42 9.20
C ASP D 91 -20.88 7.18 7.92
N SER D 92 -21.48 8.36 7.66
CA SER D 92 -21.17 9.18 6.48
C SER D 92 -19.74 9.70 6.56
N LEU D 93 -19.30 10.11 7.77
CA LEU D 93 -17.92 10.59 7.95
C LEU D 93 -16.91 9.47 7.70
N ALA D 94 -17.20 8.27 8.22
CA ALA D 94 -16.28 7.11 8.09
C ALA D 94 -16.02 6.80 6.62
N GLN D 95 -16.99 7.04 5.73
CA GLN D 95 -16.86 6.78 4.30
C GLN D 95 -15.82 7.67 3.62
N VAL D 96 -15.52 8.84 4.22
CA VAL D 96 -14.56 9.78 3.62
C VAL D 96 -13.30 9.97 4.50
N CYS D 97 -13.06 9.00 5.38
CA CYS D 97 -11.88 9.05 6.23
CA CYS D 97 -11.93 8.97 6.28
C CYS D 97 -10.74 8.30 5.58
N ASP D 98 -9.58 8.98 5.51
CA ASP D 98 -8.38 8.40 4.94
C ASP D 98 -7.64 7.58 6.00
N PRO D 99 -6.89 6.52 5.63
CA PRO D 99 -6.23 5.70 6.65
C PRO D 99 -5.35 6.48 7.60
N GLY D 100 -5.40 6.08 8.86
CA GLY D 100 -4.66 6.68 9.96
C GLY D 100 -5.40 7.79 10.71
N THR D 101 -6.51 8.28 10.17
CA THR D 101 -7.27 9.35 10.82
C THR D 101 -8.00 8.85 12.08
N LYS D 102 -7.91 9.62 13.16
CA LYS D 102 -8.60 9.37 14.43
C LYS D 102 -9.78 10.31 14.53
N VAL D 103 -10.86 9.86 15.15
CA VAL D 103 -12.07 10.70 15.28
C VAL D 103 -12.41 10.86 16.77
N VAL D 104 -12.59 12.12 17.21
CA VAL D 104 -12.97 12.44 18.58
C VAL D 104 -14.31 13.15 18.51
N VAL D 105 -15.28 12.71 19.31
CA VAL D 105 -16.61 13.32 19.33
C VAL D 105 -16.72 14.15 20.61
N VAL D 106 -17.26 15.36 20.49
CA VAL D 106 -17.57 16.23 21.62
C VAL D 106 -19.11 16.29 21.67
N GLY D 107 -19.69 15.90 22.78
CA GLY D 107 -21.15 15.85 22.86
C GLY D 107 -21.69 16.50 24.11
N GLN D 108 -23.01 16.60 24.19
CA GLN D 108 -23.74 17.21 25.31
C GLN D 108 -24.14 16.19 26.38
N THR D 109 -24.32 14.92 25.97
CA THR D 109 -24.82 13.88 26.89
C THR D 109 -23.69 13.21 27.64
N ASN D 110 -23.74 13.28 28.97
CA ASN D 110 -22.75 12.65 29.82
C ASN D 110 -23.33 11.30 30.25
N ASP D 111 -23.10 10.24 29.42
CA ASP D 111 -23.69 8.93 29.65
C ASP D 111 -22.69 7.81 29.33
N ILE D 112 -22.45 6.91 30.29
CA ILE D 112 -21.49 5.81 30.08
C ILE D 112 -21.93 4.85 28.96
N ALA D 113 -23.23 4.50 28.86
CA ALA D 113 -23.70 3.60 27.81
C ALA D 113 -23.41 4.18 26.41
N LEU D 114 -23.61 5.49 26.23
CA LEU D 114 -23.31 6.16 24.96
C LEU D 114 -21.80 6.12 24.69
N TYR D 115 -21.00 6.42 25.71
CA TYR D 115 -19.53 6.38 25.63
C TYR D 115 -19.09 5.00 25.11
N ARG D 116 -19.57 3.93 25.78
CA ARG D 116 -19.22 2.55 25.39
C ARG D 116 -19.62 2.23 23.93
N GLU D 117 -20.83 2.66 23.51
CA GLU D 117 -21.31 2.45 22.14
C GLU D 117 -20.40 3.14 21.12
N LEU D 118 -20.02 4.43 21.41
CA LEU D 118 -19.13 5.18 20.51
C LEU D 118 -17.76 4.49 20.41
N MET D 119 -17.22 3.99 21.53
CA MET D 119 -15.93 3.25 21.51
C MET D 119 -16.04 2.00 20.63
N ARG D 120 -17.17 1.28 20.74
CA ARG D 120 -17.43 0.08 19.92
C ARG D 120 -17.52 0.42 18.41
N ARG D 121 -17.97 1.64 18.07
CA ARG D 121 -18.08 2.08 16.68
C ARG D 121 -16.73 2.55 16.11
N GLY D 122 -15.71 2.60 16.96
CA GLY D 122 -14.37 3.00 16.50
C GLY D 122 -13.99 4.45 16.73
N VAL D 123 -14.87 5.21 17.44
CA VAL D 123 -14.57 6.60 17.83
C VAL D 123 -13.39 6.52 18.82
N SER D 124 -12.36 7.37 18.67
CA SER D 124 -11.19 7.29 19.56
C SER D 124 -11.43 7.80 20.96
N GLU D 125 -12.26 8.86 21.09
CA GLU D 125 -12.58 9.41 22.41
C GLU D 125 -13.90 10.15 22.31
N TYR D 126 -14.58 10.27 23.44
CA TYR D 126 -15.83 11.03 23.51
C TYR D 126 -15.71 11.95 24.69
N LEU D 127 -15.79 13.26 24.44
CA LEU D 127 -15.65 14.29 25.46
C LEU D 127 -16.97 14.99 25.72
N THR D 128 -17.24 15.37 26.95
CA THR D 128 -18.50 16.05 27.10
C THR D 128 -18.35 17.41 27.73
N GLN D 129 -19.23 18.30 27.27
CA GLN D 129 -19.39 19.68 27.70
C GLN D 129 -19.86 19.72 29.16
N PRO D 130 -19.38 20.63 30.04
CA PRO D 130 -18.42 21.72 29.80
C PRO D 130 -17.01 21.16 29.65
N LEU D 131 -16.45 21.40 28.47
CA LEU D 131 -15.12 20.96 28.09
C LEU D 131 -14.08 21.89 28.75
N GLY D 132 -13.02 21.34 29.33
CA GLY D 132 -11.94 22.15 29.88
C GLY D 132 -10.71 21.94 29.01
N PRO D 133 -9.82 22.94 28.79
CA PRO D 133 -8.67 22.69 27.89
C PRO D 133 -7.78 21.51 28.30
N LEU D 134 -7.60 21.29 29.60
CA LEU D 134 -6.76 20.19 30.08
C LEU D 134 -7.33 18.82 29.69
N GLN D 135 -8.67 18.67 29.69
CA GLN D 135 -9.32 17.41 29.28
C GLN D 135 -9.05 17.14 27.79
N VAL D 136 -9.01 18.20 26.97
CA VAL D 136 -8.73 18.07 25.53
C VAL D 136 -7.26 17.63 25.37
N ILE D 137 -6.33 18.27 26.10
CA ILE D 137 -4.90 17.95 26.02
C ILE D 137 -4.65 16.50 26.42
N ARG D 138 -5.27 16.07 27.53
CA ARG D 138 -5.12 14.69 28.01
C ARG D 138 -5.69 13.68 27.03
N ALA D 139 -6.85 14.01 26.41
CA ALA D 139 -7.49 13.14 25.43
C ALA D 139 -6.60 12.98 24.21
N VAL D 140 -6.02 14.08 23.69
CA VAL D 140 -5.15 14.05 22.53
C VAL D 140 -3.86 13.27 22.90
N GLY D 141 -3.27 13.56 24.05
CA GLY D 141 -2.07 12.88 24.55
C GLY D 141 -2.24 11.37 24.61
N ALA D 142 -3.39 10.89 25.14
CA ALA D 142 -3.73 9.47 25.30
C ALA D 142 -3.84 8.73 23.95
N LEU D 143 -4.22 9.44 22.88
CA LEU D 143 -4.34 8.81 21.54
C LEU D 143 -2.99 8.46 20.92
N TYR D 144 -1.92 9.14 21.34
CA TYR D 144 -0.59 8.94 20.75
C TYR D 144 0.39 8.34 21.75
N ALA D 145 -0.06 8.02 22.97
CA ALA D 145 0.78 7.39 24.00
C ALA D 145 1.05 5.93 23.66
N ARG E 22 24.02 1.51 -2.77
CA ARG E 22 22.58 1.32 -2.59
C ARG E 22 21.77 2.22 -3.53
N ILE E 23 20.53 1.86 -3.78
CA ILE E 23 19.67 2.71 -4.59
C ILE E 23 18.30 2.86 -3.95
N THR E 24 17.60 3.91 -4.35
CA THR E 24 16.24 4.16 -3.93
CA THR E 24 16.23 4.17 -3.92
C THR E 24 15.37 4.05 -5.17
N ILE E 25 14.26 3.33 -5.05
CA ILE E 25 13.30 3.14 -6.15
C ILE E 25 11.98 3.70 -5.73
N HIS E 26 11.36 4.53 -6.59
CA HIS E 26 9.99 4.98 -6.39
C HIS E 26 9.16 4.40 -7.49
N ALA E 27 8.15 3.62 -7.15
CA ALA E 27 7.25 3.05 -8.16
C ALA E 27 5.89 3.74 -8.07
N PHE E 28 5.35 4.23 -9.21
CA PHE E 28 4.02 4.89 -9.29
C PHE E 28 3.17 4.03 -10.14
N CYS E 29 2.30 3.26 -9.49
CA CYS E 29 1.46 2.28 -10.17
C CYS E 29 0.08 2.82 -10.54
N ALA E 30 -0.49 2.29 -11.64
CA ALA E 30 -1.81 2.67 -12.14
C ALA E 30 -2.83 1.53 -11.92
N ARG E 31 -2.33 0.32 -11.66
CA ARG E 31 -3.14 -0.88 -11.43
C ARG E 31 -2.79 -1.51 -10.08
N PRO E 32 -3.79 -1.95 -9.30
CA PRO E 32 -3.49 -2.60 -7.99
C PRO E 32 -2.64 -3.86 -8.15
N GLU E 33 -2.83 -4.61 -9.25
CA GLU E 33 -2.00 -5.81 -9.49
C GLU E 33 -0.52 -5.47 -9.63
N THR E 34 -0.22 -4.32 -10.26
CA THR E 34 1.19 -3.90 -10.42
C THR E 34 1.77 -3.48 -9.06
N ALA E 35 1.00 -2.75 -8.25
CA ALA E 35 1.48 -2.34 -6.92
C ALA E 35 1.87 -3.55 -6.06
N ALA E 36 0.98 -4.56 -6.07
CA ALA E 36 1.20 -5.81 -5.31
C ALA E 36 2.45 -6.56 -5.77
N LEU E 37 2.64 -6.64 -7.11
CA LEU E 37 3.77 -7.29 -7.74
C LEU E 37 5.09 -6.60 -7.35
N ILE E 38 5.13 -5.27 -7.40
CA ILE E 38 6.36 -4.57 -7.12
C ILE E 38 6.73 -4.74 -5.63
N GLU E 39 5.72 -4.71 -4.76
CA GLU E 39 5.93 -4.92 -3.32
C GLU E 39 6.57 -6.32 -3.08
N LYS E 40 6.08 -7.34 -3.81
CA LYS E 40 6.62 -8.70 -3.75
C LYS E 40 8.10 -8.75 -4.22
N ALA E 41 8.38 -8.10 -5.36
CA ALA E 41 9.71 -8.01 -5.94
C ALA E 41 10.69 -7.33 -4.99
N ALA E 42 10.22 -6.26 -4.29
CA ALA E 42 11.05 -5.46 -3.38
C ALA E 42 11.69 -6.34 -2.28
N ALA E 43 11.02 -7.42 -1.87
CA ALA E 43 11.48 -8.30 -0.80
C ALA E 43 12.42 -9.41 -1.25
N ASP E 44 12.69 -9.52 -2.56
CA ASP E 44 13.59 -10.57 -3.05
C ASP E 44 15.07 -10.31 -2.62
N ARG E 45 15.88 -11.41 -2.38
CA ARG E 45 17.29 -11.32 -1.98
CA ARG E 45 17.27 -11.28 -1.94
C ARG E 45 18.12 -10.48 -2.95
N ARG E 46 17.76 -10.52 -4.24
CA ARG E 46 18.48 -9.82 -5.30
C ARG E 46 18.22 -8.30 -5.26
N MET E 47 17.23 -7.87 -4.48
CA MET E 47 16.88 -6.45 -4.32
C MET E 47 17.40 -5.90 -2.97
N SER E 48 18.35 -6.61 -2.31
CA SER E 48 18.86 -6.20 -0.97
C SER E 48 19.58 -4.81 -0.99
N ARG E 49 20.11 -4.38 -2.13
CA ARG E 49 20.77 -3.07 -2.22
C ARG E 49 19.74 -1.95 -2.49
N ALA E 50 18.47 -2.27 -2.62
CA ALA E 50 17.47 -1.26 -2.94
C ALA E 50 16.48 -1.01 -1.81
N ALA E 51 16.05 0.27 -1.67
CA ALA E 51 14.96 0.72 -0.83
C ALA E 51 13.82 1.06 -1.79
N THR E 52 12.69 0.34 -1.74
CA THR E 52 11.60 0.56 -2.70
C THR E 52 10.34 1.11 -2.03
N ILE E 53 9.83 2.24 -2.58
CA ILE E 53 8.62 2.93 -2.13
CA ILE E 53 8.62 2.92 -2.12
C ILE E 53 7.55 2.81 -3.22
N VAL E 54 6.40 2.21 -2.90
CA VAL E 54 5.35 2.03 -3.90
C VAL E 54 4.18 2.99 -3.64
N ARG E 55 3.76 3.73 -4.68
CA ARG E 55 2.69 4.71 -4.62
C ARG E 55 1.67 4.49 -5.75
N ASP E 56 0.46 5.04 -5.64
CA ASP E 56 -0.55 4.92 -6.71
C ASP E 56 -0.51 6.17 -7.60
N GLY E 57 -1.32 6.20 -8.64
CA GLY E 57 -1.45 7.40 -9.47
C GLY E 57 -0.70 7.40 -10.80
N GLY E 58 0.11 6.38 -10.99
CA GLY E 58 0.86 6.16 -12.22
C GLY E 58 1.80 7.28 -12.63
N LEU E 59 2.11 7.32 -13.95
CA LEU E 59 3.03 8.34 -14.52
C LEU E 59 2.54 9.77 -14.25
N GLU E 60 1.23 10.00 -14.34
CA GLU E 60 0.67 11.32 -14.08
C GLU E 60 0.97 11.78 -12.64
N ALA E 61 0.86 10.88 -11.63
CA ALA E 61 1.17 11.26 -10.24
C ALA E 61 2.68 11.48 -10.06
N ALA E 62 3.52 10.74 -10.82
CA ALA E 62 4.98 10.92 -10.70
C ALA E 62 5.36 12.32 -11.19
N VAL E 63 4.81 12.75 -12.33
CA VAL E 63 5.08 14.09 -12.89
C VAL E 63 4.70 15.15 -11.83
N ASP E 64 3.54 15.00 -11.19
CA ASP E 64 3.09 15.96 -10.18
C ASP E 64 3.98 15.93 -8.95
N TYR E 65 4.31 14.74 -8.45
CA TYR E 65 5.14 14.56 -7.26
C TYR E 65 6.53 15.20 -7.38
N TYR E 66 7.22 15.05 -8.53
CA TYR E 66 8.58 15.55 -8.65
C TYR E 66 8.66 17.05 -9.02
N GLN E 67 7.51 17.75 -9.09
CA GLN E 67 7.55 19.20 -9.30
C GLN E 67 8.30 19.87 -8.14
N ASN E 68 8.11 19.37 -6.91
CA ASN E 68 8.74 19.93 -5.69
C ASN E 68 9.52 18.91 -4.86
N GLN E 69 9.86 17.76 -5.44
CA GLN E 69 10.62 16.73 -4.76
C GLN E 69 11.74 16.21 -5.65
N PRO E 70 12.90 15.84 -5.10
CA PRO E 70 13.97 15.31 -5.96
C PRO E 70 13.66 13.87 -6.41
N THR E 71 14.16 13.47 -7.58
CA THR E 71 13.94 12.08 -8.04
C THR E 71 14.95 11.14 -7.38
N PRO E 72 14.53 9.87 -7.15
CA PRO E 72 15.45 8.88 -6.58
C PRO E 72 16.36 8.26 -7.68
N SER E 73 17.11 7.21 -7.35
CA SER E 73 17.97 6.54 -8.31
C SER E 73 17.18 5.97 -9.49
N LEU E 74 16.00 5.43 -9.19
CA LEU E 74 15.18 4.76 -10.20
CA LEU E 74 15.19 4.78 -10.22
C LEU E 74 13.71 5.11 -10.01
N VAL E 75 13.06 5.55 -11.08
CA VAL E 75 11.64 5.87 -11.04
C VAL E 75 10.94 4.83 -11.92
N MET E 76 9.97 4.09 -11.35
CA MET E 76 9.18 3.11 -12.12
C MET E 76 7.81 3.68 -12.27
N VAL E 77 7.34 3.79 -13.51
CA VAL E 77 6.06 4.46 -13.73
C VAL E 77 5.17 3.62 -14.58
N GLU E 78 3.91 3.51 -14.17
CA GLU E 78 2.97 2.73 -14.96
C GLU E 78 2.01 3.66 -15.66
N THR E 79 1.74 3.32 -16.91
CA THR E 79 0.88 4.03 -17.82
C THR E 79 -0.10 3.10 -18.51
N LEU E 80 -1.32 3.55 -18.74
CA LEU E 80 -2.31 2.77 -19.48
C LEU E 80 -2.58 3.49 -20.83
N ASP E 81 -1.73 4.48 -21.18
CA ASP E 81 -1.90 5.31 -22.36
C ASP E 81 -1.29 4.75 -23.63
N GLY E 82 -1.70 5.34 -24.75
CA GLY E 82 -1.13 5.06 -26.08
C GLY E 82 0.22 5.74 -26.19
N ALA E 83 0.96 5.44 -27.26
CA ALA E 83 2.32 5.99 -27.48
C ALA E 83 2.40 7.53 -27.40
N GLN E 84 1.49 8.27 -28.05
CA GLN E 84 1.52 9.73 -28.11
C GLN E 84 1.44 10.37 -26.71
N ARG E 85 0.43 9.98 -25.91
CA ARG E 85 0.28 10.53 -24.56
C ARG E 85 1.43 10.05 -23.68
N LEU E 86 1.88 8.80 -23.84
CA LEU E 86 3.00 8.28 -23.02
C LEU E 86 4.26 9.14 -23.27
N LEU E 87 4.59 9.40 -24.56
CA LEU E 87 5.78 10.18 -24.91
C LEU E 87 5.68 11.63 -24.42
N HIS E 88 4.49 12.23 -24.46
CA HIS E 88 4.26 13.56 -23.95
C HIS E 88 4.47 13.59 -22.42
N LEU E 89 3.90 12.63 -21.66
CA LEU E 89 4.08 12.59 -20.20
C LEU E 89 5.54 12.31 -19.84
N LEU E 90 6.24 11.49 -20.63
CA LEU E 90 7.68 11.22 -20.37
C LEU E 90 8.51 12.49 -20.57
N ASP E 91 8.12 13.35 -21.54
CA ASP E 91 8.79 14.65 -21.77
C ASP E 91 8.60 15.51 -20.51
N SER E 92 7.39 15.54 -19.92
CA SER E 92 7.08 16.27 -18.67
C SER E 92 7.88 15.71 -17.50
N LEU E 93 7.98 14.37 -17.41
CA LEU E 93 8.76 13.74 -16.34
C LEU E 93 10.26 14.10 -16.47
N ALA E 94 10.78 14.07 -17.70
CA ALA E 94 12.22 14.34 -17.92
C ALA E 94 12.59 15.77 -17.44
N GLN E 95 11.65 16.72 -17.48
CA GLN E 95 11.87 18.10 -17.02
C GLN E 95 12.06 18.18 -15.50
N VAL E 96 11.62 17.16 -14.76
CA VAL E 96 11.76 17.18 -13.31
C VAL E 96 12.65 16.03 -12.81
N CYS E 97 13.50 15.47 -13.70
CA CYS E 97 14.43 14.42 -13.30
C CYS E 97 15.75 15.03 -12.95
N ASP E 98 16.26 14.66 -11.77
CA ASP E 98 17.55 15.08 -11.27
C ASP E 98 18.65 14.13 -11.78
N PRO E 99 19.90 14.62 -11.91
CA PRO E 99 20.94 13.78 -12.51
C PRO E 99 21.13 12.42 -11.83
N GLY E 100 21.37 11.44 -12.68
CA GLY E 100 21.60 10.07 -12.27
C GLY E 100 20.35 9.19 -12.27
N THR E 101 19.17 9.81 -12.42
CA THR E 101 17.91 9.07 -12.36
C THR E 101 17.71 8.21 -13.63
N LYS E 102 17.31 6.94 -13.41
CA LYS E 102 16.92 6.01 -14.48
C LYS E 102 15.39 5.89 -14.45
N VAL E 103 14.78 5.68 -15.62
CA VAL E 103 13.32 5.56 -15.70
C VAL E 103 12.95 4.20 -16.31
N VAL E 104 12.04 3.47 -15.65
CA VAL E 104 11.48 2.20 -16.12
C VAL E 104 9.99 2.39 -16.31
N VAL E 105 9.45 2.02 -17.47
CA VAL E 105 8.04 2.22 -17.78
C VAL E 105 7.38 0.84 -17.74
N VAL E 106 6.19 0.78 -17.14
CA VAL E 106 5.35 -0.40 -17.14
C VAL E 106 4.13 -0.01 -17.98
N GLY E 107 3.89 -0.68 -19.10
CA GLY E 107 2.80 -0.27 -19.98
C GLY E 107 1.89 -1.40 -20.40
N GLN E 108 0.86 -1.05 -21.15
CA GLN E 108 -0.15 -2.00 -21.62
C GLN E 108 0.23 -2.59 -22.98
N THR E 109 0.89 -1.81 -23.87
CA THR E 109 1.13 -2.26 -25.25
C THR E 109 2.37 -3.14 -25.34
N ASN E 110 2.19 -4.39 -25.80
CA ASN E 110 3.30 -5.32 -25.95
C ASN E 110 3.73 -5.27 -27.40
N ASP E 111 4.65 -4.34 -27.72
CA ASP E 111 5.10 -4.11 -29.09
C ASP E 111 6.60 -3.83 -29.13
N ILE E 112 7.36 -4.60 -29.91
CA ILE E 112 8.82 -4.40 -29.99
C ILE E 112 9.17 -3.01 -30.62
N ALA E 113 8.43 -2.55 -31.64
CA ALA E 113 8.74 -1.24 -32.23
C ALA E 113 8.61 -0.11 -31.17
N LEU E 114 7.58 -0.19 -30.28
CA LEU E 114 7.41 0.79 -29.20
C LEU E 114 8.56 0.66 -28.21
N TYR E 115 8.93 -0.57 -27.84
CA TYR E 115 10.09 -0.84 -26.97
C TYR E 115 11.35 -0.15 -27.51
N ARG E 116 11.66 -0.35 -28.81
CA ARG E 116 12.84 0.26 -29.41
CA ARG E 116 12.82 0.27 -29.47
C ARG E 116 12.79 1.80 -29.39
N GLU E 117 11.63 2.38 -29.66
CA GLU E 117 11.43 3.83 -29.62
C GLU E 117 11.67 4.37 -28.20
N LEU E 118 11.13 3.69 -27.18
CA LEU E 118 11.34 4.09 -25.78
C LEU E 118 12.82 4.03 -25.40
N MET E 119 13.55 2.99 -25.86
CA MET E 119 15.01 2.87 -25.60
C MET E 119 15.74 4.06 -26.21
N ARG E 120 15.37 4.44 -27.43
CA ARG E 120 15.96 5.61 -28.13
C ARG E 120 15.70 6.91 -27.38
N ARG E 121 14.54 7.03 -26.71
CA ARG E 121 14.15 8.21 -25.92
C ARG E 121 14.84 8.26 -24.55
N GLY E 122 15.60 7.23 -24.20
CA GLY E 122 16.35 7.22 -22.93
C GLY E 122 15.68 6.48 -21.78
N VAL E 123 14.54 5.80 -22.05
CA VAL E 123 13.90 4.94 -21.03
C VAL E 123 14.82 3.74 -20.79
N SER E 124 15.09 3.34 -19.55
CA SER E 124 16.02 2.25 -19.29
C SER E 124 15.45 0.85 -19.57
N GLU E 125 14.15 0.65 -19.31
CA GLU E 125 13.50 -0.62 -19.55
C GLU E 125 12.01 -0.40 -19.72
N TYR E 126 11.36 -1.26 -20.48
CA TYR E 126 9.92 -1.16 -20.68
C TYR E 126 9.33 -2.54 -20.43
N LEU E 127 8.43 -2.65 -19.45
CA LEU E 127 7.83 -3.93 -19.07
C LEU E 127 6.33 -3.94 -19.41
N THR E 128 5.76 -5.09 -19.81
CA THR E 128 4.33 -5.15 -20.06
CA THR E 128 4.31 -5.16 -20.05
C THR E 128 3.74 -6.43 -19.42
N GLN E 129 2.38 -6.52 -19.30
CA GLN E 129 1.73 -7.74 -18.78
C GLN E 129 1.88 -8.87 -19.86
N PRO E 130 2.01 -10.17 -19.50
CA PRO E 130 2.03 -10.78 -18.15
C PRO E 130 3.32 -10.42 -17.42
N LEU E 131 3.17 -9.79 -16.26
CA LEU E 131 4.28 -9.30 -15.45
C LEU E 131 4.36 -10.03 -14.12
N GLY E 132 5.55 -10.59 -13.87
CA GLY E 132 5.89 -11.33 -12.64
C GLY E 132 6.99 -10.62 -11.85
N PRO E 133 7.13 -10.92 -10.52
CA PRO E 133 8.19 -10.24 -9.73
C PRO E 133 9.58 -10.46 -10.32
N LEU E 134 9.86 -11.63 -10.92
CA LEU E 134 11.17 -11.93 -11.50
C LEU E 134 11.53 -10.96 -12.64
N GLN E 135 10.54 -10.51 -13.44
CA GLN E 135 10.81 -9.54 -14.52
C GLN E 135 11.22 -8.20 -13.94
N VAL E 136 10.62 -7.81 -12.80
CA VAL E 136 10.98 -6.56 -12.13
C VAL E 136 12.42 -6.66 -11.58
N ILE E 137 12.73 -7.79 -10.91
CA ILE E 137 14.06 -8.02 -10.33
C ILE E 137 15.14 -7.99 -11.42
N ARG E 138 14.87 -8.69 -12.54
CA ARG E 138 15.84 -8.75 -13.64
C ARG E 138 16.02 -7.38 -14.25
N ALA E 139 14.94 -6.58 -14.35
CA ALA E 139 15.01 -5.22 -14.90
C ALA E 139 15.90 -4.37 -14.05
N VAL E 140 15.72 -4.38 -12.72
CA VAL E 140 16.54 -3.60 -11.79
C VAL E 140 18.01 -4.07 -11.86
N GLY E 141 18.22 -5.38 -11.77
CA GLY E 141 19.55 -5.99 -11.82
C GLY E 141 20.35 -5.62 -13.06
N ALA E 142 19.70 -5.69 -14.22
CA ALA E 142 20.31 -5.40 -15.53
C ALA E 142 20.78 -3.94 -15.66
N LEU E 143 20.12 -3.00 -14.97
CA LEU E 143 20.46 -1.58 -15.05
C LEU E 143 21.76 -1.23 -14.33
N TYR E 144 22.19 -2.07 -13.39
CA TYR E 144 23.39 -1.83 -12.59
C TYR E 144 24.44 -2.92 -12.79
N HIS F 12 -4.70 18.09 -36.64
CA HIS F 12 -4.81 19.55 -36.59
C HIS F 12 -3.41 20.19 -36.60
N GLU F 13 -3.00 20.60 -37.80
CA GLU F 13 -1.71 21.23 -38.05
C GLU F 13 -1.84 22.75 -38.25
N ASN F 14 -3.06 23.23 -38.54
CA ASN F 14 -3.34 24.63 -38.83
C ASN F 14 -2.75 25.55 -37.74
N LEU F 15 -2.10 26.65 -38.18
CA LEU F 15 -1.47 27.58 -37.25
C LEU F 15 -2.38 28.75 -36.90
N TYR F 16 -3.51 28.85 -37.60
CA TYR F 16 -4.53 29.90 -37.39
C TYR F 16 -3.93 31.32 -37.41
N PHE F 17 -3.20 31.64 -38.48
CA PHE F 17 -2.67 33.00 -38.64
C PHE F 17 -3.79 34.04 -38.61
N GLN F 18 -4.98 33.72 -39.18
CA GLN F 18 -6.12 34.64 -39.23
C GLN F 18 -6.79 34.79 -37.86
N GLY F 19 -6.41 33.95 -36.90
CA GLY F 19 -6.97 33.95 -35.57
C GLY F 19 -8.35 33.33 -35.44
N ILE F 20 -8.81 33.25 -34.22
CA ILE F 20 -10.12 32.68 -33.91
C ILE F 20 -11.17 33.80 -34.15
N PRO F 21 -12.40 33.48 -34.63
CA PRO F 21 -13.37 34.56 -34.92
C PRO F 21 -13.91 35.22 -33.65
N ARG F 22 -14.72 36.29 -33.82
CA ARG F 22 -15.26 37.00 -32.67
C ARG F 22 -16.36 36.15 -32.03
N ILE F 23 -16.02 35.56 -30.90
CA ILE F 23 -16.88 34.68 -30.11
C ILE F 23 -16.73 35.03 -28.66
N THR F 24 -17.63 34.52 -27.83
CA THR F 24 -17.58 34.64 -26.39
C THR F 24 -17.30 33.25 -25.84
N ILE F 25 -16.31 33.13 -24.95
CA ILE F 25 -15.94 31.86 -24.34
C ILE F 25 -16.09 31.98 -22.84
N HIS F 26 -16.79 31.04 -22.21
CA HIS F 26 -16.87 30.94 -20.74
C HIS F 26 -16.21 29.65 -20.36
N ALA F 27 -15.16 29.70 -19.54
CA ALA F 27 -14.48 28.51 -19.06
C ALA F 27 -14.76 28.33 -17.54
N PHE F 28 -15.32 27.16 -17.14
CA PHE F 28 -15.62 26.83 -15.72
C PHE F 28 -14.66 25.75 -15.34
N CYS F 29 -13.60 26.15 -14.69
CA CYS F 29 -12.50 25.25 -14.33
CA CYS F 29 -12.48 25.31 -14.32
C CYS F 29 -12.64 24.70 -12.93
N ALA F 30 -12.07 23.50 -12.73
CA ALA F 30 -12.10 22.83 -11.44
C ALA F 30 -10.69 22.72 -10.85
N ARG F 31 -9.64 22.86 -11.69
CA ARG F 31 -8.25 22.74 -11.29
C ARG F 31 -7.48 24.03 -11.60
N PRO F 32 -6.61 24.52 -10.68
CA PRO F 32 -5.88 25.77 -10.97
C PRO F 32 -4.99 25.66 -12.19
N GLU F 33 -4.42 24.47 -12.50
CA GLU F 33 -3.57 24.28 -13.67
C GLU F 33 -4.36 24.48 -14.98
N THR F 34 -5.63 24.07 -15.00
CA THR F 34 -6.49 24.22 -16.18
C THR F 34 -6.82 25.71 -16.37
N ALA F 35 -7.17 26.43 -15.27
CA ALA F 35 -7.49 27.86 -15.34
C ALA F 35 -6.30 28.63 -15.89
N ALA F 36 -5.09 28.32 -15.42
CA ALA F 36 -3.85 28.99 -15.87
C ALA F 36 -3.59 28.73 -17.35
N LEU F 37 -3.81 27.49 -17.83
CA LEU F 37 -3.62 27.12 -19.23
C LEU F 37 -4.58 27.88 -20.15
N ILE F 38 -5.87 27.96 -19.74
CA ILE F 38 -6.90 28.66 -20.52
CA ILE F 38 -6.89 28.65 -20.55
C ILE F 38 -6.58 30.16 -20.56
N GLU F 39 -6.17 30.74 -19.41
CA GLU F 39 -5.83 32.16 -19.37
CA GLU F 39 -5.80 32.16 -19.34
C GLU F 39 -4.64 32.44 -20.29
N LYS F 40 -3.66 31.50 -20.36
CA LYS F 40 -2.51 31.64 -21.24
C LYS F 40 -2.95 31.59 -22.71
N ALA F 41 -3.84 30.65 -23.07
CA ALA F 41 -4.39 30.54 -24.42
C ALA F 41 -5.20 31.81 -24.76
N ALA F 42 -6.02 32.33 -23.82
CA ALA F 42 -6.84 33.52 -24.04
C ALA F 42 -5.99 34.78 -24.31
N ALA F 43 -4.76 34.82 -23.77
CA ALA F 43 -3.84 35.95 -23.94
C ALA F 43 -3.02 35.86 -25.25
N ASP F 44 -3.09 34.72 -25.99
CA ASP F 44 -2.38 34.56 -27.27
C ASP F 44 -2.92 35.59 -28.27
N ARG F 45 -2.04 36.14 -29.14
CA ARG F 45 -2.46 37.17 -30.12
C ARG F 45 -3.57 36.67 -31.04
N ARG F 46 -3.58 35.35 -31.35
CA ARG F 46 -4.59 34.75 -32.25
C ARG F 46 -5.98 34.72 -31.61
N MET F 47 -6.07 34.88 -30.28
CA MET F 47 -7.34 34.82 -29.54
C MET F 47 -7.88 36.20 -29.16
N SER F 48 -7.29 37.29 -29.70
CA SER F 48 -7.68 38.63 -29.25
C SER F 48 -9.14 39.02 -29.65
N ARG F 49 -9.76 38.35 -30.62
CA ARG F 49 -11.17 38.64 -30.99
C ARG F 49 -12.14 37.91 -30.05
N ALA F 50 -11.66 36.88 -29.35
CA ALA F 50 -12.50 36.10 -28.45
C ALA F 50 -12.56 36.75 -27.09
N ALA F 51 -13.77 36.95 -26.57
CA ALA F 51 -13.94 37.49 -25.22
C ALA F 51 -13.99 36.28 -24.29
N THR F 52 -12.92 36.03 -23.53
CA THR F 52 -12.83 34.84 -22.68
C THR F 52 -12.96 35.20 -21.19
N ILE F 53 -13.88 34.50 -20.48
CA ILE F 53 -14.09 34.65 -19.04
C ILE F 53 -13.78 33.32 -18.39
N VAL F 54 -12.79 33.30 -17.51
CA VAL F 54 -12.40 32.08 -16.81
C VAL F 54 -12.95 32.16 -15.38
N ARG F 55 -13.80 31.20 -15.01
CA ARG F 55 -14.42 31.09 -13.68
C ARG F 55 -14.05 29.76 -13.03
N ASP F 56 -14.21 29.68 -11.71
CA ASP F 56 -13.96 28.42 -11.03
C ASP F 56 -15.31 27.72 -10.77
N GLY F 57 -15.26 26.57 -10.10
CA GLY F 57 -16.46 25.84 -9.75
C GLY F 57 -16.86 24.72 -10.68
N GLY F 58 -16.12 24.58 -11.79
CA GLY F 58 -16.31 23.53 -12.77
C GLY F 58 -17.68 23.44 -13.40
N LEU F 59 -17.98 22.28 -13.95
CA LEU F 59 -19.24 21.99 -14.63
C LEU F 59 -20.44 22.22 -13.67
N GLU F 60 -20.30 21.90 -12.38
CA GLU F 60 -21.36 22.11 -11.38
C GLU F 60 -21.78 23.59 -11.35
N ALA F 61 -20.79 24.53 -11.29
CA ALA F 61 -21.06 25.96 -11.32
C ALA F 61 -21.67 26.39 -12.66
N ALA F 62 -21.26 25.76 -13.77
CA ALA F 62 -21.80 26.11 -15.10
C ALA F 62 -23.28 25.80 -15.16
N VAL F 63 -23.70 24.58 -14.71
CA VAL F 63 -25.10 24.14 -14.72
C VAL F 63 -25.94 25.14 -13.93
N ASP F 64 -25.44 25.57 -12.75
CA ASP F 64 -26.14 26.54 -11.90
C ASP F 64 -26.23 27.89 -12.59
N TYR F 65 -25.11 28.37 -13.14
CA TYR F 65 -25.02 29.68 -13.79
C TYR F 65 -26.02 29.84 -14.95
N TYR F 66 -26.14 28.84 -15.82
CA TYR F 66 -26.98 28.96 -17.01
C TYR F 66 -28.47 28.68 -16.76
N GLN F 67 -28.88 28.45 -15.50
CA GLN F 67 -30.31 28.30 -15.20
C GLN F 67 -31.06 29.58 -15.56
N ASN F 68 -30.44 30.76 -15.29
CA ASN F 68 -31.06 32.06 -15.57
C ASN F 68 -30.19 32.97 -16.45
N GLN F 69 -29.18 32.42 -17.13
CA GLN F 69 -28.30 33.21 -18.01
C GLN F 69 -28.15 32.53 -19.35
N PRO F 70 -28.03 33.29 -20.45
CA PRO F 70 -27.86 32.62 -21.76
C PRO F 70 -26.45 32.06 -21.90
N THR F 71 -26.30 31.00 -22.70
CA THR F 71 -24.96 30.41 -22.90
C THR F 71 -24.22 31.24 -23.99
N PRO F 72 -22.87 31.37 -23.88
CA PRO F 72 -22.10 32.10 -24.90
C PRO F 72 -21.84 31.19 -26.13
N SER F 73 -20.95 31.63 -27.06
CA SER F 73 -20.64 30.80 -28.25
C SER F 73 -20.03 29.47 -27.85
N LEU F 74 -19.15 29.49 -26.83
CA LEU F 74 -18.40 28.31 -26.40
C LEU F 74 -18.31 28.25 -24.90
N VAL F 75 -18.65 27.10 -24.34
CA VAL F 75 -18.56 26.81 -22.91
C VAL F 75 -17.50 25.73 -22.71
N MET F 76 -16.49 26.01 -21.91
CA MET F 76 -15.44 25.03 -21.59
C MET F 76 -15.66 24.61 -20.16
N VAL F 77 -15.78 23.30 -19.91
CA VAL F 77 -16.08 22.83 -18.55
C VAL F 77 -15.12 21.72 -18.11
N GLU F 78 -14.90 21.67 -16.80
CA GLU F 78 -14.04 20.67 -16.18
C GLU F 78 -14.72 20.15 -14.90
N THR F 79 -14.51 18.90 -14.49
CA THR F 79 -15.04 18.41 -13.22
C THR F 79 -13.94 17.59 -12.50
N LEU F 80 -13.99 17.53 -11.18
CA LEU F 80 -13.08 16.69 -10.38
C LEU F 80 -13.72 15.33 -10.00
N ASP F 81 -15.04 15.17 -10.23
CA ASP F 81 -15.85 14.06 -9.72
C ASP F 81 -16.05 12.80 -10.61
N GLY F 82 -15.26 12.62 -11.66
CA GLY F 82 -15.35 11.40 -12.46
C GLY F 82 -16.40 11.34 -13.54
N ALA F 83 -16.28 10.33 -14.42
CA ALA F 83 -17.08 10.06 -15.62
C ALA F 83 -18.60 10.04 -15.39
N GLN F 84 -19.08 9.28 -14.37
CA GLN F 84 -20.50 9.14 -14.05
C GLN F 84 -21.15 10.49 -13.74
N ARG F 85 -20.54 11.27 -12.83
CA ARG F 85 -21.06 12.58 -12.43
C ARG F 85 -20.94 13.56 -13.61
N LEU F 86 -19.82 13.50 -14.38
CA LEU F 86 -19.63 14.34 -15.56
C LEU F 86 -20.80 14.14 -16.54
N LEU F 87 -21.14 12.89 -16.88
CA LEU F 87 -22.22 12.56 -17.82
C LEU F 87 -23.59 13.03 -17.30
N HIS F 88 -23.84 12.87 -15.99
CA HIS F 88 -25.11 13.32 -15.39
C HIS F 88 -25.24 14.85 -15.48
N LEU F 89 -24.15 15.56 -15.13
CA LEU F 89 -24.13 17.03 -15.17
C LEU F 89 -24.19 17.55 -16.60
N LEU F 90 -23.66 16.80 -17.59
CA LEU F 90 -23.74 17.23 -19.00
C LEU F 90 -25.19 17.16 -19.48
N ASP F 91 -25.97 16.17 -19.00
CA ASP F 91 -27.41 16.05 -19.30
C ASP F 91 -28.12 17.31 -18.80
N SER F 92 -27.79 17.75 -17.56
CA SER F 92 -28.35 18.96 -16.94
C SER F 92 -27.91 20.22 -17.70
N LEU F 93 -26.64 20.28 -18.14
CA LEU F 93 -26.14 21.42 -18.92
C LEU F 93 -26.86 21.51 -20.26
N ALA F 94 -27.06 20.37 -20.95
CA ALA F 94 -27.72 20.35 -22.26
C ALA F 94 -29.12 20.99 -22.20
N GLN F 95 -29.82 20.86 -21.06
CA GLN F 95 -31.16 21.42 -20.85
C GLN F 95 -31.17 22.96 -20.84
N VAL F 96 -30.03 23.58 -20.52
CA VAL F 96 -29.94 25.05 -20.43
C VAL F 96 -28.97 25.63 -21.51
N CYS F 97 -28.70 24.85 -22.54
CA CYS F 97 -27.84 25.31 -23.62
CA CYS F 97 -27.83 25.20 -23.65
C CYS F 97 -28.66 25.90 -24.72
N ASP F 98 -28.32 27.13 -25.08
CA ASP F 98 -29.03 27.85 -26.10
C ASP F 98 -28.55 27.40 -27.49
N PRO F 99 -29.37 27.48 -28.55
CA PRO F 99 -28.88 27.05 -29.87
C PRO F 99 -27.60 27.80 -30.29
N GLY F 100 -26.70 27.07 -30.92
CA GLY F 100 -25.44 27.61 -31.41
C GLY F 100 -24.30 27.45 -30.43
N THR F 101 -24.60 27.17 -29.15
CA THR F 101 -23.55 27.01 -28.15
C THR F 101 -22.81 25.66 -28.34
N LYS F 102 -21.47 25.72 -28.33
CA LYS F 102 -20.61 24.55 -28.40
C LYS F 102 -20.07 24.29 -27.00
N VAL F 103 -19.88 23.03 -26.66
CA VAL F 103 -19.36 22.64 -25.36
C VAL F 103 -18.07 21.84 -25.56
N VAL F 104 -17.04 22.22 -24.82
CA VAL F 104 -15.74 21.55 -24.81
C VAL F 104 -15.49 21.08 -23.39
N VAL F 105 -15.13 19.80 -23.23
CA VAL F 105 -14.86 19.24 -21.91
C VAL F 105 -13.36 19.08 -21.75
N VAL F 106 -12.82 19.49 -20.59
CA VAL F 106 -11.43 19.27 -20.22
C VAL F 106 -11.45 18.21 -19.14
N GLY F 107 -10.75 17.11 -19.36
CA GLY F 107 -10.72 16.01 -18.39
C GLY F 107 -9.33 15.48 -18.13
N GLN F 108 -9.17 14.57 -17.16
CA GLN F 108 -7.84 14.01 -16.88
C GLN F 108 -7.76 12.57 -17.36
N THR F 109 -8.92 12.01 -17.78
CA THR F 109 -9.09 10.60 -18.14
C THR F 109 -8.94 10.36 -19.64
N ASN F 110 -7.99 9.48 -19.99
CA ASN F 110 -7.78 9.03 -21.35
C ASN F 110 -8.55 7.72 -21.50
N ASP F 111 -9.86 7.81 -21.81
CA ASP F 111 -10.74 6.64 -21.92
C ASP F 111 -11.65 6.75 -23.13
N ILE F 112 -11.56 5.78 -24.03
CA ILE F 112 -12.35 5.76 -25.27
C ILE F 112 -13.85 5.69 -24.98
N ALA F 113 -14.29 4.87 -24.00
CA ALA F 113 -15.75 4.75 -23.72
C ALA F 113 -16.34 6.12 -23.32
N LEU F 114 -15.62 6.87 -22.50
CA LEU F 114 -16.05 8.22 -22.10
C LEU F 114 -16.08 9.13 -23.33
N TYR F 115 -15.00 9.12 -24.12
CA TYR F 115 -14.87 9.95 -25.30
C TYR F 115 -16.05 9.69 -26.28
N ARG F 116 -16.31 8.41 -26.57
CA ARG F 116 -17.37 8.03 -27.49
C ARG F 116 -18.73 8.54 -27.01
N GLU F 117 -19.00 8.40 -25.69
CA GLU F 117 -20.26 8.83 -25.09
C GLU F 117 -20.42 10.35 -25.20
N LEU F 118 -19.34 11.11 -24.90
CA LEU F 118 -19.35 12.57 -25.01
C LEU F 118 -19.65 13.01 -26.46
N MET F 119 -19.00 12.39 -27.45
CA MET F 119 -19.21 12.74 -28.86
C MET F 119 -20.65 12.45 -29.27
N ARG F 120 -21.23 11.32 -28.80
CA ARG F 120 -22.61 10.94 -29.08
C ARG F 120 -23.61 11.96 -28.49
N ARG F 121 -23.27 12.55 -27.33
CA ARG F 121 -24.09 13.56 -26.66
C ARG F 121 -23.97 14.96 -27.28
N GLY F 122 -23.11 15.12 -28.28
CA GLY F 122 -22.96 16.40 -28.96
C GLY F 122 -21.87 17.31 -28.43
N VAL F 123 -21.00 16.79 -27.53
CA VAL F 123 -19.85 17.55 -27.03
C VAL F 123 -18.90 17.77 -28.22
N SER F 124 -18.43 19.03 -28.42
CA SER F 124 -17.63 19.38 -29.59
C SER F 124 -16.23 18.82 -29.52
N GLU F 125 -15.63 18.80 -28.34
CA GLU F 125 -14.27 18.29 -28.21
C GLU F 125 -14.04 17.88 -26.77
N TYR F 126 -13.12 16.96 -26.58
CA TYR F 126 -12.71 16.52 -25.26
C TYR F 126 -11.20 16.64 -25.21
N LEU F 127 -10.68 17.46 -24.28
CA LEU F 127 -9.24 17.71 -24.14
C LEU F 127 -8.71 17.05 -22.90
N THR F 128 -7.56 16.36 -23.04
CA THR F 128 -6.98 15.66 -21.92
C THR F 128 -5.68 16.32 -21.53
N GLN F 129 -5.61 16.68 -20.25
CA GLN F 129 -4.45 17.27 -19.60
C GLN F 129 -3.39 16.18 -19.48
N PRO F 130 -2.09 16.48 -19.65
CA PRO F 130 -1.48 17.80 -19.87
C PRO F 130 -1.60 18.29 -21.31
N LEU F 131 -2.04 19.54 -21.40
CA LEU F 131 -2.25 20.33 -22.60
C LEU F 131 -1.32 21.53 -22.60
N GLY F 132 -1.07 22.05 -23.77
CA GLY F 132 -0.34 23.29 -23.99
C GLY F 132 -1.32 24.33 -24.56
N PRO F 133 -1.03 25.65 -24.43
CA PRO F 133 -1.96 26.66 -24.97
C PRO F 133 -2.23 26.53 -26.48
N LEU F 134 -1.23 26.09 -27.29
CA LEU F 134 -1.45 25.92 -28.74
C LEU F 134 -2.52 24.84 -29.03
N GLN F 135 -2.58 23.78 -28.21
CA GLN F 135 -3.57 22.71 -28.39
CA GLN F 135 -3.58 22.72 -28.37
C GLN F 135 -4.99 23.26 -28.10
N VAL F 136 -5.10 24.20 -27.13
CA VAL F 136 -6.39 24.83 -26.83
C VAL F 136 -6.80 25.72 -28.02
N ILE F 137 -5.86 26.55 -28.53
CA ILE F 137 -6.13 27.44 -29.67
C ILE F 137 -6.58 26.61 -30.89
N ARG F 138 -5.89 25.50 -31.19
CA ARG F 138 -6.25 24.63 -32.32
C ARG F 138 -7.60 23.98 -32.10
N ALA F 139 -7.94 23.57 -30.86
CA ALA F 139 -9.25 22.98 -30.57
C ALA F 139 -10.38 23.99 -30.83
N VAL F 140 -10.20 25.24 -30.35
CA VAL F 140 -11.19 26.32 -30.57
C VAL F 140 -11.27 26.66 -32.09
N GLY F 141 -10.11 26.85 -32.73
CA GLY F 141 -10.05 27.15 -34.16
C GLY F 141 -10.74 26.12 -35.03
N ALA F 142 -10.54 24.83 -34.74
CA ALA F 142 -11.13 23.69 -35.48
C ALA F 142 -12.66 23.66 -35.43
N LEU F 143 -13.26 24.24 -34.39
CA LEU F 143 -14.71 24.25 -34.25
C LEU F 143 -15.39 25.24 -35.21
N TYR F 144 -14.63 26.19 -35.74
CA TYR F 144 -15.20 27.23 -36.61
C TYR F 144 -14.66 27.13 -38.06
N ALA F 145 -13.64 26.27 -38.30
CA ALA F 145 -13.05 26.02 -39.61
C ALA F 145 -14.04 25.37 -40.57
N GLU G 13 -19.76 -3.60 14.76
CA GLU G 13 -20.24 -2.21 14.78
C GLU G 13 -19.17 -1.20 14.33
N ASN G 14 -17.89 -1.60 14.38
CA ASN G 14 -16.76 -0.73 14.05
C ASN G 14 -16.92 -0.08 12.67
N LEU G 15 -16.65 1.24 12.60
CA LEU G 15 -16.77 1.97 11.33
C LEU G 15 -15.41 2.06 10.61
N TYR G 16 -14.33 1.62 11.28
CA TYR G 16 -12.96 1.57 10.75
C TYR G 16 -12.48 2.93 10.22
N PHE G 17 -12.61 3.99 11.04
CA PHE G 17 -12.10 5.30 10.64
C PHE G 17 -10.59 5.25 10.28
N GLN G 18 -9.81 4.44 11.01
CA GLN G 18 -8.35 4.32 10.79
C GLN G 18 -8.01 3.56 9.50
N GLY G 19 -9.03 2.93 8.89
CA GLY G 19 -8.85 2.19 7.64
C GLY G 19 -8.35 0.77 7.81
N ILE G 20 -8.43 0.00 6.73
CA ILE G 20 -8.01 -1.40 6.71
C ILE G 20 -6.48 -1.40 6.54
N PRO G 21 -5.72 -2.38 7.14
CA PRO G 21 -4.26 -2.35 6.98
C PRO G 21 -3.80 -2.66 5.55
N ARG G 22 -2.49 -2.53 5.29
CA ARG G 22 -1.92 -2.78 3.98
C ARG G 22 -1.96 -4.27 3.69
N ILE G 23 -2.89 -4.67 2.82
CA ILE G 23 -3.09 -6.09 2.46
C ILE G 23 -3.38 -6.17 0.97
N THR G 24 -3.30 -7.37 0.42
CA THR G 24 -3.70 -7.65 -0.97
C THR G 24 -4.98 -8.49 -0.91
N ILE G 25 -5.98 -8.08 -1.67
CA ILE G 25 -7.26 -8.76 -1.75
C ILE G 25 -7.51 -9.18 -3.18
N HIS G 26 -7.85 -10.46 -3.42
CA HIS G 26 -8.28 -10.89 -4.76
C HIS G 26 -9.74 -11.34 -4.66
N ALA G 27 -10.63 -10.78 -5.46
CA ALA G 27 -12.01 -11.21 -5.43
C ALA G 27 -12.35 -11.83 -6.78
N PHE G 28 -12.93 -13.05 -6.76
CA PHE G 28 -13.34 -13.76 -7.98
C PHE G 28 -14.85 -13.87 -7.95
N CYS G 29 -15.50 -13.00 -8.72
CA CYS G 29 -16.94 -12.91 -8.70
C CYS G 29 -17.59 -13.70 -9.83
N ALA G 30 -18.83 -14.15 -9.58
CA ALA G 30 -19.60 -14.91 -10.53
C ALA G 30 -20.80 -14.12 -11.04
N ARG G 31 -21.20 -13.08 -10.28
CA ARG G 31 -22.37 -12.24 -10.61
C ARG G 31 -21.95 -10.79 -10.78
N PRO G 32 -22.49 -10.06 -11.81
CA PRO G 32 -22.11 -8.65 -11.99
C PRO G 32 -22.46 -7.78 -10.79
N GLU G 33 -23.54 -8.09 -10.05
CA GLU G 33 -23.93 -7.32 -8.86
C GLU G 33 -22.88 -7.45 -7.74
N THR G 34 -22.26 -8.62 -7.61
CA THR G 34 -21.21 -8.87 -6.62
C THR G 34 -19.94 -8.11 -7.00
N ALA G 35 -19.54 -8.16 -8.29
CA ALA G 35 -18.34 -7.46 -8.75
C ALA G 35 -18.48 -5.97 -8.51
N ALA G 36 -19.67 -5.39 -8.80
CA ALA G 36 -19.97 -3.96 -8.58
C ALA G 36 -19.88 -3.59 -7.09
N LEU G 37 -20.44 -4.43 -6.20
CA LEU G 37 -20.40 -4.27 -4.74
C LEU G 37 -18.95 -4.24 -4.24
N ILE G 38 -18.14 -5.22 -4.66
CA ILE G 38 -16.75 -5.31 -4.21
C ILE G 38 -15.93 -4.13 -4.76
N GLU G 39 -16.18 -3.73 -6.03
CA GLU G 39 -15.48 -2.58 -6.61
C GLU G 39 -15.85 -1.31 -5.85
N LYS G 40 -17.10 -1.19 -5.38
CA LYS G 40 -17.55 -0.05 -4.58
C LYS G 40 -16.82 -0.04 -3.23
N ALA G 41 -16.72 -1.21 -2.57
CA ALA G 41 -16.00 -1.35 -1.32
C ALA G 41 -14.51 -1.02 -1.52
N ALA G 42 -13.88 -1.49 -2.64
CA ALA G 42 -12.47 -1.23 -2.91
C ALA G 42 -12.15 0.24 -3.12
N ALA G 43 -13.14 1.02 -3.62
CA ALA G 43 -12.98 2.45 -3.89
C ALA G 43 -13.23 3.31 -2.65
N ASP G 44 -13.68 2.71 -1.52
CA ASP G 44 -13.94 3.44 -0.28
C ASP G 44 -12.62 3.95 0.28
N ARG G 45 -12.64 5.16 0.86
CA ARG G 45 -11.41 5.79 1.38
C ARG G 45 -10.75 4.93 2.47
N ARG G 46 -11.54 4.13 3.21
CA ARG G 46 -11.03 3.26 4.28
C ARG G 46 -10.24 2.07 3.73
N MET G 47 -10.39 1.78 2.43
CA MET G 47 -9.71 0.64 1.77
C MET G 47 -8.53 1.06 0.92
N SER G 48 -8.08 2.34 1.04
CA SER G 48 -7.01 2.83 0.18
C SER G 48 -5.62 2.15 0.43
N ARG G 49 -5.37 1.54 1.61
CA ARG G 49 -4.13 0.79 1.88
C ARG G 49 -4.18 -0.62 1.24
N ALA G 50 -5.38 -1.10 0.90
CA ALA G 50 -5.55 -2.44 0.33
C ALA G 50 -5.43 -2.41 -1.19
N ALA G 51 -4.65 -3.36 -1.75
CA ALA G 51 -4.59 -3.51 -3.18
C ALA G 51 -5.66 -4.54 -3.51
N THR G 52 -6.80 -4.09 -4.07
CA THR G 52 -7.89 -5.02 -4.38
C THR G 52 -7.99 -5.25 -5.87
N ILE G 53 -7.95 -6.52 -6.28
CA ILE G 53 -8.10 -6.93 -7.68
C ILE G 53 -9.39 -7.72 -7.78
N VAL G 54 -10.32 -7.22 -8.60
CA VAL G 54 -11.59 -7.89 -8.84
C VAL G 54 -11.50 -8.56 -10.21
N ARG G 55 -11.77 -9.87 -10.24
CA ARG G 55 -11.77 -10.69 -11.45
C ARG G 55 -13.11 -11.41 -11.57
N ASP G 56 -13.44 -11.84 -12.79
CA ASP G 56 -14.68 -12.59 -12.98
C ASP G 56 -14.32 -14.08 -13.00
N GLY G 57 -15.30 -14.93 -13.23
CA GLY G 57 -15.04 -16.37 -13.34
C GLY G 57 -15.25 -17.14 -12.05
N GLY G 58 -15.56 -16.41 -10.96
CA GLY G 58 -15.88 -16.98 -9.66
C GLY G 58 -14.83 -17.90 -9.06
N LEU G 59 -15.28 -18.75 -8.14
CA LEU G 59 -14.41 -19.71 -7.44
C LEU G 59 -13.69 -20.64 -8.42
N GLU G 60 -14.37 -21.04 -9.53
CA GLU G 60 -13.73 -21.92 -10.54
C GLU G 60 -12.45 -21.26 -11.11
N ALA G 61 -12.51 -19.96 -11.42
CA ALA G 61 -11.37 -19.23 -11.96
C ALA G 61 -10.29 -19.07 -10.89
N ALA G 62 -10.68 -18.93 -9.59
CA ALA G 62 -9.71 -18.79 -8.50
C ALA G 62 -8.89 -20.07 -8.36
N VAL G 63 -9.56 -21.23 -8.39
CA VAL G 63 -8.87 -22.51 -8.27
C VAL G 63 -7.82 -22.64 -9.40
N ASP G 64 -8.20 -22.30 -10.64
CA ASP G 64 -7.27 -22.35 -11.80
C ASP G 64 -6.13 -21.37 -11.64
N TYR G 65 -6.44 -20.13 -11.23
CA TYR G 65 -5.45 -19.07 -11.09
C TYR G 65 -4.34 -19.43 -10.09
N TYR G 66 -4.68 -19.99 -8.92
CA TYR G 66 -3.68 -20.24 -7.87
C TYR G 66 -2.88 -21.54 -8.07
N GLN G 67 -3.10 -22.25 -9.18
CA GLN G 67 -2.28 -23.43 -9.45
C GLN G 67 -0.82 -23.01 -9.65
N ASN G 68 -0.56 -21.83 -10.28
CA ASN G 68 0.80 -21.33 -10.52
C ASN G 68 1.04 -19.92 -9.95
N GLN G 69 0.17 -19.44 -9.06
CA GLN G 69 0.32 -18.13 -8.46
C GLN G 69 0.14 -18.21 -6.95
N PRO G 70 0.88 -17.43 -6.14
CA PRO G 70 0.65 -17.47 -4.69
C PRO G 70 -0.66 -16.80 -4.30
N THR G 71 -1.26 -17.21 -3.17
CA THR G 71 -2.50 -16.58 -2.74
C THR G 71 -2.17 -15.29 -1.98
N PRO G 72 -3.04 -14.26 -2.07
CA PRO G 72 -2.80 -13.00 -1.36
C PRO G 72 -3.25 -13.09 0.11
N SER G 73 -3.32 -11.95 0.82
CA SER G 73 -3.78 -11.93 2.20
C SER G 73 -5.23 -12.45 2.32
N LEU G 74 -6.06 -12.04 1.38
CA LEU G 74 -7.48 -12.37 1.42
C LEU G 74 -8.00 -12.72 0.03
N VAL G 75 -8.67 -13.88 -0.07
CA VAL G 75 -9.32 -14.34 -1.30
C VAL G 75 -10.84 -14.30 -1.07
N MET G 76 -11.57 -13.56 -1.90
CA MET G 76 -13.03 -13.51 -1.82
C MET G 76 -13.58 -14.28 -3.03
N VAL G 77 -14.47 -15.24 -2.79
CA VAL G 77 -14.95 -16.09 -3.92
C VAL G 77 -16.47 -16.22 -3.92
N GLU G 78 -17.02 -16.36 -5.14
CA GLU G 78 -18.45 -16.58 -5.35
C GLU G 78 -18.65 -17.69 -6.38
N THR G 79 -19.73 -18.48 -6.32
CA THR G 79 -20.06 -19.47 -7.36
C THR G 79 -21.55 -19.35 -7.71
N LEU G 80 -21.94 -19.75 -8.95
CA LEU G 80 -23.35 -19.77 -9.37
C LEU G 80 -24.02 -21.15 -9.10
N ASP G 81 -23.21 -22.14 -8.70
CA ASP G 81 -23.67 -23.49 -8.38
C ASP G 81 -24.11 -23.58 -6.92
N GLY G 82 -24.72 -24.69 -6.54
CA GLY G 82 -25.22 -24.89 -5.18
C GLY G 82 -24.14 -25.23 -4.17
N ALA G 83 -24.59 -25.63 -2.97
CA ALA G 83 -23.76 -26.01 -1.82
C ALA G 83 -22.75 -27.11 -2.12
N GLN G 84 -23.18 -28.21 -2.77
CA GLN G 84 -22.33 -29.35 -3.06
C GLN G 84 -21.14 -29.00 -3.96
N ARG G 85 -21.38 -28.28 -5.08
CA ARG G 85 -20.31 -27.89 -5.97
C ARG G 85 -19.43 -26.82 -5.27
N LEU G 86 -20.01 -25.90 -4.49
CA LEU G 86 -19.23 -24.90 -3.73
C LEU G 86 -18.23 -25.61 -2.80
N LEU G 87 -18.71 -26.60 -2.02
CA LEU G 87 -17.84 -27.33 -1.06
C LEU G 87 -16.73 -28.11 -1.78
N HIS G 88 -17.04 -28.71 -2.95
CA HIS G 88 -16.00 -29.45 -3.67
CA HIS G 88 -16.05 -29.43 -3.76
C HIS G 88 -14.95 -28.48 -4.27
N LEU G 89 -15.36 -27.33 -4.76
CA LEU G 89 -14.41 -26.35 -5.29
C LEU G 89 -13.56 -25.75 -4.16
N LEU G 90 -14.15 -25.58 -2.95
CA LEU G 90 -13.39 -25.06 -1.81
C LEU G 90 -12.31 -26.04 -1.38
N ASP G 91 -12.58 -27.36 -1.53
CA ASP G 91 -11.57 -28.38 -1.26
C ASP G 91 -10.36 -28.20 -2.22
N SER G 92 -10.64 -27.94 -3.53
CA SER G 92 -9.61 -27.71 -4.52
C SER G 92 -8.84 -26.40 -4.21
N LEU G 93 -9.57 -25.36 -3.78
CA LEU G 93 -8.93 -24.07 -3.42
C LEU G 93 -7.99 -24.26 -2.21
N ALA G 94 -8.44 -25.02 -1.19
CA ALA G 94 -7.63 -25.24 0.02
C ALA G 94 -6.28 -25.88 -0.31
N GLN G 95 -6.22 -26.67 -1.40
CA GLN G 95 -4.95 -27.32 -1.79
C GLN G 95 -3.89 -26.31 -2.27
N VAL G 96 -4.32 -25.09 -2.69
CA VAL G 96 -3.41 -24.12 -3.27
C VAL G 96 -3.37 -22.84 -2.44
N CYS G 97 -3.80 -22.90 -1.15
CA CYS G 97 -3.76 -21.72 -0.28
C CYS G 97 -2.47 -21.71 0.51
N ASP G 98 -1.75 -20.61 0.40
CA ASP G 98 -0.45 -20.41 1.06
C ASP G 98 -0.63 -19.95 2.51
N PRO G 99 0.41 -20.00 3.36
CA PRO G 99 0.25 -19.54 4.75
C PRO G 99 -0.23 -18.10 4.85
N GLY G 100 -1.14 -17.88 5.80
CA GLY G 100 -1.66 -16.55 6.09
C GLY G 100 -2.92 -16.20 5.33
N THR G 101 -3.19 -16.87 4.21
CA THR G 101 -4.36 -16.53 3.40
C THR G 101 -5.68 -16.86 4.09
N LYS G 102 -6.59 -15.90 4.06
CA LYS G 102 -7.94 -16.01 4.59
C LYS G 102 -8.88 -16.09 3.40
N VAL G 103 -9.94 -16.87 3.55
CA VAL G 103 -10.94 -17.06 2.47
C VAL G 103 -12.31 -16.60 2.96
N VAL G 104 -12.97 -15.77 2.13
CA VAL G 104 -14.32 -15.25 2.40
C VAL G 104 -15.20 -15.71 1.23
N VAL G 105 -16.36 -16.30 1.55
CA VAL G 105 -17.28 -16.77 0.52
C VAL G 105 -18.46 -15.82 0.45
N VAL G 106 -18.88 -15.46 -0.77
CA VAL G 106 -20.07 -14.65 -1.02
C VAL G 106 -21.08 -15.61 -1.64
N GLY G 107 -22.25 -15.74 -1.02
CA GLY G 107 -23.23 -16.68 -1.53
C GLY G 107 -24.64 -16.13 -1.51
N GLN G 108 -25.55 -16.87 -2.12
CA GLN G 108 -26.97 -16.45 -2.19
C GLN G 108 -27.82 -17.23 -1.20
N THR G 109 -27.29 -18.34 -0.70
CA THR G 109 -28.00 -19.32 0.10
C THR G 109 -27.95 -19.00 1.60
N ASN G 110 -29.13 -18.85 2.18
CA ASN G 110 -29.32 -18.63 3.60
C ASN G 110 -29.59 -20.00 4.24
N ASP G 111 -28.55 -20.77 4.51
CA ASP G 111 -28.71 -22.14 5.03
C ASP G 111 -27.70 -22.40 6.14
N ILE G 112 -28.19 -22.77 7.34
CA ILE G 112 -27.33 -23.01 8.48
C ILE G 112 -26.38 -24.21 8.23
N ALA G 113 -26.85 -25.29 7.59
CA ALA G 113 -25.99 -26.46 7.35
C ALA G 113 -24.77 -26.07 6.50
N LEU G 114 -24.98 -25.24 5.47
CA LEU G 114 -23.88 -24.76 4.63
C LEU G 114 -22.96 -23.89 5.46
N TYR G 115 -23.53 -22.93 6.20
CA TYR G 115 -22.77 -22.01 7.03
C TYR G 115 -21.87 -22.78 8.03
N ARG G 116 -22.46 -23.75 8.74
CA ARG G 116 -21.72 -24.56 9.71
C ARG G 116 -20.56 -25.30 9.04
N GLU G 117 -20.80 -25.90 7.87
CA GLU G 117 -19.77 -26.66 7.14
C GLU G 117 -18.63 -25.73 6.69
N LEU G 118 -18.96 -24.53 6.17
CA LEU G 118 -17.93 -23.56 5.77
C LEU G 118 -17.06 -23.16 6.96
N MET G 119 -17.68 -22.87 8.12
CA MET G 119 -16.95 -22.47 9.30
C MET G 119 -16.07 -23.60 9.81
N ARG G 120 -16.55 -24.86 9.72
CA ARG G 120 -15.80 -26.06 10.15
C ARG G 120 -14.56 -26.24 9.24
N ARG G 121 -14.69 -25.89 7.94
CA ARG G 121 -13.59 -25.98 6.98
C ARG G 121 -12.56 -24.84 7.12
N GLY G 122 -12.81 -23.86 8.01
CA GLY G 122 -11.87 -22.76 8.19
C GLY G 122 -12.08 -21.55 7.29
N VAL G 123 -13.28 -21.46 6.64
CA VAL G 123 -13.65 -20.27 5.88
C VAL G 123 -13.83 -19.13 6.91
N SER G 124 -13.23 -17.95 6.65
CA SER G 124 -13.20 -16.83 7.60
C SER G 124 -14.54 -16.17 7.75
N GLU G 125 -15.31 -16.07 6.68
CA GLU G 125 -16.62 -15.42 6.75
C GLU G 125 -17.43 -15.87 5.56
N TYR G 126 -18.77 -15.86 5.73
CA TYR G 126 -19.71 -16.16 4.68
C TYR G 126 -20.65 -14.99 4.59
N LEU G 127 -20.67 -14.30 3.44
CA LEU G 127 -21.49 -13.12 3.24
C LEU G 127 -22.65 -13.44 2.32
N THR G 128 -23.86 -13.03 2.71
CA THR G 128 -25.06 -13.25 1.90
C THR G 128 -25.91 -11.97 1.93
N GLN G 129 -27.03 -11.99 1.21
CA GLN G 129 -27.96 -10.86 1.14
C GLN G 129 -28.69 -10.63 2.49
N PRO G 130 -28.97 -9.36 2.89
CA PRO G 130 -28.69 -8.09 2.20
C PRO G 130 -27.21 -7.71 2.29
N LEU G 131 -26.58 -7.38 1.14
CA LEU G 131 -25.17 -7.01 1.10
C LEU G 131 -24.92 -5.61 0.56
N GLY G 132 -24.17 -4.83 1.35
CA GLY G 132 -23.74 -3.48 1.05
C GLY G 132 -22.23 -3.35 1.17
N PRO G 133 -21.61 -2.30 0.58
CA PRO G 133 -20.14 -2.15 0.68
C PRO G 133 -19.61 -2.09 2.12
N LEU G 134 -20.38 -1.49 3.06
CA LEU G 134 -19.96 -1.41 4.47
C LEU G 134 -19.80 -2.82 5.07
N GLN G 135 -20.66 -3.78 4.70
CA GLN G 135 -20.56 -5.16 5.20
C GLN G 135 -19.26 -5.81 4.72
N VAL G 136 -18.83 -5.50 3.49
CA VAL G 136 -17.59 -6.02 2.96
C VAL G 136 -16.40 -5.41 3.75
N ILE G 137 -16.42 -4.08 3.94
CA ILE G 137 -15.36 -3.37 4.65
C ILE G 137 -15.25 -3.91 6.09
N ARG G 138 -16.40 -4.11 6.77
CA ARG G 138 -16.42 -4.63 8.15
C ARG G 138 -15.93 -6.05 8.20
N ALA G 139 -16.27 -6.90 7.19
CA ALA G 139 -15.82 -8.29 7.14
C ALA G 139 -14.29 -8.31 7.02
N VAL G 140 -13.71 -7.46 6.15
CA VAL G 140 -12.26 -7.39 5.96
C VAL G 140 -11.59 -6.85 7.24
N GLY G 141 -12.11 -5.73 7.75
CA GLY G 141 -11.59 -5.10 8.96
C GLY G 141 -11.56 -6.02 10.16
N ALA G 142 -12.64 -6.80 10.38
CA ALA G 142 -12.79 -7.74 11.50
C ALA G 142 -11.76 -8.86 11.48
N LEU G 143 -11.27 -9.24 10.29
CA LEU G 143 -10.31 -10.33 10.16
C LEU G 143 -8.92 -9.93 10.62
N TYR G 144 -8.62 -8.63 10.71
CA TYR G 144 -7.30 -8.13 11.12
C TYR G 144 -7.34 -7.36 12.45
N PRO H 21 5.51 30.53 11.14
CA PRO H 21 5.84 30.19 12.53
C PRO H 21 4.61 29.88 13.38
N ARG H 22 4.83 29.49 14.65
CA ARG H 22 3.73 29.14 15.55
C ARG H 22 2.96 30.41 15.94
N ILE H 23 1.77 30.55 15.36
CA ILE H 23 0.90 31.70 15.58
C ILE H 23 -0.53 31.24 15.72
N THR H 24 -1.37 32.15 16.21
CA THR H 24 -2.80 31.93 16.34
CA THR H 24 -2.80 31.92 16.34
C THR H 24 -3.48 32.88 15.37
N ILE H 25 -4.39 32.38 14.56
CA ILE H 25 -5.15 33.18 13.59
C ILE H 25 -6.63 33.08 13.89
N HIS H 26 -7.32 34.23 13.97
CA HIS H 26 -8.78 34.23 14.05
C HIS H 26 -9.30 34.89 12.80
N ALA H 27 -10.16 34.22 12.03
CA ALA H 27 -10.74 34.84 10.86
C ALA H 27 -12.23 35.06 11.11
N PHE H 28 -12.74 36.25 10.74
CA PHE H 28 -14.16 36.58 10.88
C PHE H 28 -14.68 36.93 9.50
N CYS H 29 -15.35 35.99 8.89
CA CYS H 29 -15.82 36.12 7.51
C CYS H 29 -17.25 36.65 7.40
N ALA H 30 -17.55 37.37 6.30
CA ALA H 30 -18.89 37.95 6.02
C ALA H 30 -19.60 37.19 4.92
N ARG H 31 -18.84 36.39 4.15
CA ARG H 31 -19.34 35.57 3.03
C ARG H 31 -18.96 34.11 3.25
N PRO H 32 -19.90 33.16 3.02
CA PRO H 32 -19.55 31.72 3.19
C PRO H 32 -18.41 31.26 2.26
N GLU H 33 -18.30 31.88 1.07
CA GLU H 33 -17.23 31.56 0.10
C GLU H 33 -15.86 31.94 0.65
N THR H 34 -15.78 33.05 1.43
CA THR H 34 -14.51 33.46 2.03
C THR H 34 -14.14 32.49 3.17
N ALA H 35 -15.12 32.10 4.00
CA ALA H 35 -14.85 31.13 5.09
C ALA H 35 -14.29 29.81 4.51
N ALA H 36 -14.88 29.33 3.41
CA ALA H 36 -14.41 28.10 2.74
C ALA H 36 -12.98 28.23 2.23
N LEU H 37 -12.65 29.38 1.61
CA LEU H 37 -11.29 29.55 1.08
CA LEU H 37 -11.30 29.66 1.09
C LEU H 37 -10.27 29.71 2.22
N ILE H 38 -10.61 30.36 3.35
CA ILE H 38 -9.66 30.48 4.44
C ILE H 38 -9.43 29.10 5.07
N GLU H 39 -10.52 28.30 5.23
CA GLU H 39 -10.39 26.94 5.78
C GLU H 39 -9.47 26.08 4.90
N LYS H 40 -9.61 26.21 3.56
CA LYS H 40 -8.77 25.53 2.57
C LYS H 40 -7.30 25.93 2.70
N ALA H 41 -7.04 27.23 2.80
CA ALA H 41 -5.71 27.79 3.00
C ALA H 41 -5.10 27.31 4.31
N ALA H 42 -5.90 27.31 5.39
CA ALA H 42 -5.46 26.89 6.73
C ALA H 42 -4.99 25.41 6.72
N ALA H 43 -5.53 24.57 5.79
CA ALA H 43 -5.20 23.14 5.69
C ALA H 43 -3.93 22.88 4.87
N ASP H 44 -3.35 23.92 4.25
CA ASP H 44 -2.10 23.77 3.49
C ASP H 44 -0.91 23.47 4.42
N ARG H 45 0.05 22.65 3.95
CA ARG H 45 1.27 22.26 4.68
C ARG H 45 2.09 23.49 5.14
N ARG H 46 2.04 24.62 4.39
CA ARG H 46 2.76 25.85 4.73
C ARG H 46 2.16 26.54 5.97
N MET H 47 0.92 26.17 6.35
CA MET H 47 0.21 26.79 7.49
C MET H 47 0.17 25.89 8.75
N SER H 48 0.96 24.79 8.73
CA SER H 48 1.04 23.77 9.78
C SER H 48 1.45 24.30 11.16
N ARG H 49 2.15 25.40 11.29
CA ARG H 49 2.46 25.79 12.67
C ARG H 49 1.35 26.70 13.26
N ALA H 50 0.37 27.08 12.43
CA ALA H 50 -0.71 27.96 12.88
C ALA H 50 -1.90 27.20 13.49
N ALA H 51 -2.51 27.81 14.54
CA ALA H 51 -3.77 27.40 15.16
C ALA H 51 -4.84 28.40 14.64
N THR H 52 -5.71 27.96 13.73
CA THR H 52 -6.66 28.88 13.06
C THR H 52 -8.12 28.61 13.53
N ILE H 53 -8.86 29.68 13.81
CA ILE H 53 -10.30 29.56 14.14
C ILE H 53 -11.05 30.43 13.12
N VAL H 54 -11.98 29.83 12.38
CA VAL H 54 -12.75 30.56 11.39
C VAL H 54 -14.18 30.76 11.92
N ARG H 55 -14.65 32.00 11.96
CA ARG H 55 -15.98 32.36 12.44
C ARG H 55 -16.73 33.19 11.41
N ASP H 56 -18.07 33.35 11.58
CA ASP H 56 -18.81 34.22 10.66
C ASP H 56 -19.03 35.59 11.34
N GLY H 57 -19.74 36.50 10.68
CA GLY H 57 -20.07 37.78 11.30
C GLY H 57 -19.20 38.97 10.92
N GLY H 58 -18.12 38.70 10.20
CA GLY H 58 -17.20 39.71 9.69
C GLY H 58 -16.55 40.61 10.73
N LEU H 59 -16.07 41.78 10.25
CA LEU H 59 -15.40 42.76 11.12
C LEU H 59 -16.29 43.18 12.32
N GLU H 60 -17.59 43.33 12.09
CA GLU H 60 -18.52 43.69 13.18
C GLU H 60 -18.49 42.66 14.31
N ALA H 61 -18.48 41.35 13.96
CA ALA H 61 -18.45 40.31 14.99
C ALA H 61 -17.11 40.28 15.70
N ALA H 62 -16.02 40.62 14.99
CA ALA H 62 -14.69 40.65 15.60
C ALA H 62 -14.62 41.75 16.66
N VAL H 63 -15.13 42.96 16.34
CA VAL H 63 -15.17 44.06 17.30
C VAL H 63 -15.93 43.63 18.57
N ASP H 64 -17.08 42.97 18.42
CA ASP H 64 -17.88 42.49 19.56
CA ASP H 64 -17.88 42.50 19.57
C ASP H 64 -17.14 41.42 20.34
N TYR H 65 -16.57 40.43 19.63
CA TYR H 65 -15.85 39.33 20.26
C TYR H 65 -14.69 39.79 21.17
N TYR H 66 -13.87 40.73 20.71
CA TYR H 66 -12.68 41.15 21.46
C TYR H 66 -12.97 42.15 22.56
N GLN H 67 -14.24 42.50 22.80
CA GLN H 67 -14.55 43.39 23.94
C GLN H 67 -14.09 42.74 25.26
N ASN H 68 -14.27 41.41 25.38
CA ASN H 68 -13.93 40.68 26.60
C ASN H 68 -13.02 39.48 26.36
N GLN H 69 -12.36 39.43 25.19
CA GLN H 69 -11.46 38.31 24.85
C GLN H 69 -10.16 38.85 24.29
N PRO H 70 -9.01 38.17 24.53
CA PRO H 70 -7.74 38.69 23.99
C PRO H 70 -7.60 38.45 22.48
N THR H 71 -6.87 39.32 21.79
CA THR H 71 -6.66 39.13 20.35
C THR H 71 -5.50 38.15 20.12
N PRO H 72 -5.58 37.38 19.03
CA PRO H 72 -4.49 36.45 18.70
C PRO H 72 -3.35 37.14 17.93
N SER H 73 -2.38 36.36 17.39
CA SER H 73 -1.26 36.91 16.60
C SER H 73 -1.77 37.65 15.36
N LEU H 74 -2.78 37.06 14.70
CA LEU H 74 -3.30 37.59 13.45
C LEU H 74 -4.83 37.54 13.44
N VAL H 75 -5.43 38.69 13.14
CA VAL H 75 -6.89 38.79 13.02
C VAL H 75 -7.19 39.04 11.56
N MET H 76 -8.00 38.17 10.94
CA MET H 76 -8.39 38.34 9.54
CA MET H 76 -8.39 38.32 9.53
C MET H 76 -9.86 38.70 9.53
N VAL H 77 -10.21 39.86 8.96
CA VAL H 77 -11.60 40.31 9.03
C VAL H 77 -12.13 40.63 7.66
N GLU H 78 -13.36 40.22 7.40
CA GLU H 78 -13.98 40.53 6.13
C GLU H 78 -15.07 41.56 6.33
N THR H 79 -15.09 42.49 5.38
CA THR H 79 -15.99 43.61 5.35
C THR H 79 -16.65 43.74 3.96
N LEU H 80 -17.91 44.12 3.96
CA LEU H 80 -18.63 44.38 2.73
C LEU H 80 -18.93 45.89 2.69
N ASP H 81 -18.35 46.67 3.62
CA ASP H 81 -18.63 48.11 3.75
C ASP H 81 -17.78 49.01 2.87
N GLY H 82 -18.22 50.26 2.74
CA GLY H 82 -17.43 51.30 2.08
C GLY H 82 -16.34 51.77 3.01
N ALA H 83 -15.45 52.66 2.51
CA ALA H 83 -14.29 53.13 3.24
C ALA H 83 -14.61 53.73 4.60
N GLN H 84 -15.62 54.63 4.69
CA GLN H 84 -15.95 55.34 5.92
C GLN H 84 -16.33 54.38 7.06
N ARG H 85 -17.25 53.44 6.81
CA ARG H 85 -17.68 52.49 7.84
C ARG H 85 -16.52 51.52 8.14
N LEU H 86 -15.74 51.12 7.12
CA LEU H 86 -14.60 50.22 7.36
C LEU H 86 -13.62 50.88 8.32
N LEU H 87 -13.26 52.15 8.06
CA LEU H 87 -12.28 52.86 8.89
C LEU H 87 -12.79 53.07 10.30
N HIS H 88 -14.10 53.35 10.46
CA HIS H 88 -14.74 53.50 11.78
C HIS H 88 -14.67 52.19 12.55
N LEU H 89 -15.02 51.06 11.91
CA LEU H 89 -14.97 49.74 12.58
C LEU H 89 -13.54 49.34 12.91
N LEU H 90 -12.56 49.68 12.03
CA LEU H 90 -11.14 49.38 12.33
C LEU H 90 -10.63 50.18 13.52
N ASP H 91 -11.11 51.42 13.69
CA ASP H 91 -10.80 52.24 14.87
C ASP H 91 -11.33 51.52 16.13
N SER H 92 -12.57 50.97 16.07
CA SER H 92 -13.17 50.22 17.20
C SER H 92 -12.39 48.95 17.48
N LEU H 93 -11.92 48.27 16.43
CA LEU H 93 -11.13 47.04 16.59
C LEU H 93 -9.79 47.37 17.25
N ALA H 94 -9.14 48.45 16.83
CA ALA H 94 -7.83 48.85 17.37
C ALA H 94 -7.90 49.08 18.86
N GLN H 95 -9.04 49.57 19.38
CA GLN H 95 -9.23 49.84 20.82
C GLN H 95 -9.21 48.56 21.66
N VAL H 96 -9.49 47.39 21.05
CA VAL H 96 -9.52 46.11 21.78
C VAL H 96 -8.42 45.14 21.27
N CYS H 97 -7.38 45.69 20.62
CA CYS H 97 -6.26 44.88 20.18
C CYS H 97 -5.19 44.85 21.24
N ASP H 98 -4.73 43.65 21.55
CA ASP H 98 -3.66 43.43 22.50
C ASP H 98 -2.32 43.47 21.78
N PRO H 99 -1.23 43.87 22.48
CA PRO H 99 0.05 44.06 21.78
C PRO H 99 0.51 42.84 20.99
N GLY H 100 1.07 43.11 19.82
CA GLY H 100 1.59 42.08 18.94
C GLY H 100 0.64 41.70 17.81
N THR H 101 -0.63 42.09 17.94
CA THR H 101 -1.64 41.67 16.94
C THR H 101 -1.44 42.37 15.58
N LYS H 102 -1.50 41.59 14.48
CA LYS H 102 -1.52 42.08 13.10
C LYS H 102 -2.94 41.92 12.58
N VAL H 103 -3.39 42.82 11.72
CA VAL H 103 -4.74 42.75 11.14
C VAL H 103 -4.66 42.66 9.59
N VAL H 104 -5.41 41.71 9.01
CA VAL H 104 -5.54 41.51 7.58
C VAL H 104 -6.99 41.74 7.23
N VAL H 105 -7.28 42.61 6.25
CA VAL H 105 -8.66 42.91 5.87
C VAL H 105 -8.94 42.23 4.53
N VAL H 106 -10.12 41.61 4.41
CA VAL H 106 -10.62 41.05 3.15
C VAL H 106 -11.81 41.95 2.76
N GLY H 107 -11.77 42.59 1.61
CA GLY H 107 -12.83 43.52 1.24
C GLY H 107 -13.33 43.33 -0.18
N GLN H 108 -14.35 44.11 -0.54
CA GLN H 108 -14.97 44.03 -1.86
C GLN H 108 -14.37 45.06 -2.83
N THR H 109 -13.89 46.20 -2.33
CA THR H 109 -13.41 47.27 -3.21
C THR H 109 -11.97 47.02 -3.71
N ASN H 110 -11.80 46.89 -5.00
CA ASN H 110 -10.48 46.69 -5.61
C ASN H 110 -9.98 48.08 -6.05
N ASP H 111 -9.29 48.79 -5.15
CA ASP H 111 -8.82 50.17 -5.35
C ASP H 111 -7.45 50.39 -4.70
N ILE H 112 -6.45 50.83 -5.47
CA ILE H 112 -5.10 51.08 -4.92
C ILE H 112 -5.09 52.22 -3.86
N ALA H 113 -5.85 53.32 -4.08
CA ALA H 113 -5.88 54.42 -3.10
C ALA H 113 -6.38 53.92 -1.73
N LEU H 114 -7.41 53.03 -1.71
CA LEU H 114 -7.91 52.43 -0.47
C LEU H 114 -6.83 51.55 0.16
N TYR H 115 -6.16 50.72 -0.67
CA TYR H 115 -5.07 49.85 -0.22
C TYR H 115 -4.02 50.67 0.51
N ARG H 116 -3.52 51.75 -0.15
CA ARG H 116 -2.51 52.63 0.45
C ARG H 116 -2.96 53.27 1.78
N GLU H 117 -4.22 53.73 1.84
CA GLU H 117 -4.80 54.32 3.05
C GLU H 117 -4.83 53.29 4.20
N LEU H 118 -5.24 52.04 3.90
CA LEU H 118 -5.27 50.98 4.91
C LEU H 118 -3.86 50.70 5.43
N MET H 119 -2.85 50.68 4.54
CA MET H 119 -1.45 50.44 4.95
C MET H 119 -1.00 51.54 5.89
N ARG H 120 -1.36 52.79 5.58
CA ARG H 120 -1.01 53.95 6.41
C ARG H 120 -1.65 53.86 7.81
N ARG H 121 -2.87 53.29 7.90
CA ARG H 121 -3.61 53.10 9.15
C ARG H 121 -3.07 51.91 9.98
N GLY H 122 -2.12 51.16 9.45
CA GLY H 122 -1.55 50.07 10.22
C GLY H 122 -2.05 48.67 9.90
N VAL H 123 -2.96 48.55 8.91
CA VAL H 123 -3.44 47.24 8.43
C VAL H 123 -2.26 46.51 7.75
N SER H 124 -2.03 45.22 8.05
CA SER H 124 -0.88 44.52 7.50
C SER H 124 -1.04 44.13 6.03
N GLU H 125 -2.25 43.77 5.61
CA GLU H 125 -2.50 43.40 4.22
C GLU H 125 -3.98 43.59 3.93
N TYR H 126 -4.30 43.84 2.67
CA TYR H 126 -5.69 44.00 2.23
C TYR H 126 -5.88 43.14 1.02
N LEU H 127 -6.80 42.17 1.11
CA LEU H 127 -7.08 41.22 0.03
C LEU H 127 -8.46 41.45 -0.57
N THR H 128 -8.61 41.29 -1.87
CA THR H 128 -9.94 41.43 -2.46
C THR H 128 -10.17 40.28 -3.49
N GLN H 129 -11.42 40.11 -3.95
CA GLN H 129 -11.74 39.09 -4.96
C GLN H 129 -11.16 39.50 -6.35
N PRO H 130 -10.75 38.56 -7.23
CA PRO H 130 -10.76 37.08 -7.09
C PRO H 130 -9.74 36.64 -6.05
N LEU H 131 -10.22 35.90 -5.03
CA LEU H 131 -9.38 35.43 -3.94
C LEU H 131 -9.24 33.90 -3.98
N GLY H 132 -8.01 33.42 -3.83
CA GLY H 132 -7.68 32.00 -3.84
C GLY H 132 -6.89 31.61 -2.61
N PRO H 133 -6.85 30.31 -2.24
CA PRO H 133 -6.10 29.91 -1.02
C PRO H 133 -4.63 30.31 -1.06
N LEU H 134 -3.97 30.26 -2.23
CA LEU H 134 -2.56 30.61 -2.35
C LEU H 134 -2.30 32.07 -1.97
N GLN H 135 -3.21 32.99 -2.32
CA GLN H 135 -3.09 34.41 -1.95
C GLN H 135 -3.15 34.59 -0.44
N VAL H 136 -3.97 33.79 0.25
CA VAL H 136 -4.07 33.86 1.72
C VAL H 136 -2.76 33.33 2.33
N ILE H 137 -2.26 32.19 1.83
CA ILE H 137 -1.01 31.60 2.34
C ILE H 137 0.16 32.56 2.18
N ARG H 138 0.26 33.18 0.99
CA ARG H 138 1.33 34.13 0.70
C ARG H 138 1.22 35.35 1.59
N ALA H 139 -0.02 35.84 1.84
CA ALA H 139 -0.27 37.00 2.70
C ALA H 139 0.20 36.72 4.12
N VAL H 140 -0.15 35.54 4.68
CA VAL H 140 0.27 35.15 6.03
C VAL H 140 1.80 34.99 6.09
N GLY H 141 2.35 34.25 5.12
CA GLY H 141 3.79 34.01 5.01
C GLY H 141 4.62 35.28 4.98
N ALA H 142 4.19 36.25 4.16
CA ALA H 142 4.86 37.55 3.96
C ALA H 142 4.91 38.39 5.23
N LEU H 143 3.94 38.23 6.15
CA LEU H 143 3.90 39.02 7.38
C LEU H 143 4.97 38.60 8.39
N TYR H 144 5.49 37.37 8.25
CA TYR H 144 6.49 36.85 9.18
C TYR H 144 7.84 36.59 8.54
#